data_8XZB
#
_entry.id   8XZB
#
_cell.length_a   1.00
_cell.length_b   1.00
_cell.length_c   1.00
_cell.angle_alpha   90.00
_cell.angle_beta   90.00
_cell.angle_gamma   90.00
#
_symmetry.space_group_name_H-M   'P 1'
#
loop_
_entity.id
_entity.type
_entity.pdbx_description
1 polymer 'Angiotensin-converting enzyme'
2 polymer 'Spike protein S1'
3 non-polymer 'ZINC ION'
#
loop_
_entity_poly.entity_id
_entity_poly.type
_entity_poly.pdbx_seq_one_letter_code
_entity_poly.pdbx_strand_id
1 'polypeptide(L)'
;MSGSSWLLLSLAALTAAQSTEDLVNTFLEKFNYEAEELSYQSSLASWDYNTNISDENVQKMNNAGAKWSAFYEEQSKLAK
TYPLEEIQDSTVKRQLRALQHSGSSVLSADKNQRLNTILNSMSTIYSTGKACNPSNPQECLLLEPGLDDIMENSKDYNER
LWAWEGWRSEVGKQLRPLYEEYVALKNEMARANNYEDYGDYWRGDYEEEWENGYNYSRNQLIDDVEHTFTQIMPLYQHLH
AYVRTKLMDTYPSYISPTGCLPAHLLGDMWGRFWTNLYPLTVPFGQKPNIDVTNAMVNQSWDARKIFKEAEKFFVSVGLP
NMTQGFWENSMLTEPSDSRKVVCHPTAWDLGKGDFRIKMCTKVTMDDFLTAHHEMGHIQYDMAYAAQPFLLRNGANEGFH
EAVGEIMSLSAATPNHLKNIGLLPPSFFEDSETEINFLLKQALTIVGTLPFTYMLEKWRWMVFKGEIPKDQWMKTWWEMK
RNIVGVVEPVPHDETYCDPASLFHVANDYSFIRYYTRTIYQFQFQEALCQIAKHEGPLHKCDISNSSEAGQKLLEMLKLG
KSKPWTYALEIVVGAKNMDVRPLLNYFEPLFTWLKEQNRNSFVGWNTDWSPYA
;
A
2 'polypeptide(L)'
;RVVPSGDVVRFPNITNLCPFGEVFNATKFPSVYAWERKKISNCVADYSVLYNSTFFSTFKCYGVSATKLNDLCFSNVYAD
SFVVKGDDVRQIAPGQTGVIADYNYKLPDDFMGCVLAWNTRNIDATSTGNYNYKYRYLRHGKLRPFERDISNVPFSPDGK
PCTPPALNCYWPLNDYGFYTTTGIGYQPYRVVVLSFELLNAPATVCGPKLSTDLIKNQCVNFHHHHHH
;
C
#
# COMPACT_ATOMS: atom_id res chain seq x y z
N GLN A 18 6.19 -0.81 38.44
CA GLN A 18 5.96 -1.01 37.02
C GLN A 18 4.58 -1.57 36.78
N SER A 19 3.73 -0.80 36.09
CA SER A 19 2.37 -1.25 35.87
C SER A 19 2.23 -2.08 34.61
N THR A 20 1.06 -2.67 34.39
CA THR A 20 0.86 -3.53 33.22
C THR A 20 1.27 -2.88 31.92
N GLU A 21 0.76 -1.69 31.64
CA GLU A 21 1.04 -1.03 30.36
C GLU A 21 2.45 -0.50 30.28
N ASP A 22 3.10 -0.29 31.43
CA ASP A 22 4.47 0.18 31.44
C ASP A 22 5.28 -0.94 30.86
N LEU A 23 4.98 -2.16 31.28
CA LEU A 23 5.68 -3.30 30.72
C LEU A 23 5.35 -3.44 29.25
N VAL A 24 4.09 -3.25 28.90
CA VAL A 24 3.69 -3.37 27.51
C VAL A 24 4.38 -2.33 26.66
N ASN A 25 4.42 -1.09 27.10
CA ASN A 25 5.01 -0.05 26.24
C ASN A 25 6.50 -0.24 25.99
N THR A 26 7.24 -0.64 27.01
CA THR A 26 8.66 -0.87 26.82
C THR A 26 8.89 -1.98 25.81
N PHE A 27 8.09 -3.04 25.91
CA PHE A 27 8.24 -4.14 24.99
C PHE A 27 7.94 -3.68 23.57
N LEU A 28 6.89 -2.89 23.41
CA LEU A 28 6.51 -2.45 22.07
C LEU A 28 7.61 -1.51 21.63
N GLU A 29 8.12 -0.72 22.56
CA GLU A 29 9.21 0.18 22.23
C GLU A 29 10.40 -0.41 21.42
N LYS A 30 11.04 -1.38 22.05
CA LYS A 30 12.07 -2.14 21.35
C LYS A 30 11.73 -3.04 20.15
N PHE A 31 10.49 -3.50 20.14
CA PHE A 31 10.04 -4.38 19.07
C PHE A 31 10.14 -3.50 17.84
N ASN A 32 9.69 -2.26 17.96
CA ASN A 32 9.68 -1.40 16.79
C ASN A 32 11.07 -1.15 16.23
N TYR A 33 12.03 -0.94 17.12
CA TYR A 33 13.37 -0.62 16.66
C TYR A 33 13.97 -1.77 15.87
N GLU A 34 13.85 -2.97 16.41
CA GLU A 34 14.41 -4.14 15.74
C GLU A 34 13.72 -4.37 14.42
N ALA A 35 12.40 -4.22 14.42
CA ALA A 35 11.63 -4.47 13.22
C ALA A 35 12.02 -3.59 12.07
N GLU A 36 12.29 -2.32 12.35
CA GLU A 36 12.59 -1.41 11.26
C GLU A 36 13.84 -1.83 10.50
N GLU A 37 14.88 -2.20 11.21
CA GLU A 37 16.09 -2.61 10.52
C GLU A 37 15.96 -3.82 9.62
N LEU A 38 15.35 -4.88 10.13
CA LEU A 38 15.21 -6.10 9.34
C LEU A 38 14.25 -5.99 8.18
N SER A 39 13.22 -5.17 8.36
CA SER A 39 12.24 -4.98 7.31
C SER A 39 12.99 -4.33 6.16
N TYR A 40 13.83 -3.35 6.46
CA TYR A 40 14.56 -2.66 5.41
C TYR A 40 15.48 -3.59 4.64
N GLN A 41 16.17 -4.48 5.34
CA GLN A 41 17.09 -5.38 4.66
C GLN A 41 16.35 -6.30 3.72
N SER A 42 15.20 -6.79 4.16
CA SER A 42 14.41 -7.67 3.32
C SER A 42 13.93 -6.91 2.09
N SER A 43 13.50 -5.67 2.28
CA SER A 43 12.98 -4.89 1.18
C SER A 43 14.04 -4.65 0.12
N LEU A 44 15.25 -4.36 0.56
CA LEU A 44 16.33 -4.10 -0.37
C LEU A 44 16.64 -5.32 -1.21
N ALA A 45 16.63 -6.49 -0.59
CA ALA A 45 16.89 -7.73 -1.31
C ALA A 45 15.82 -7.96 -2.37
N SER A 46 14.56 -7.71 -2.02
CA SER A 46 13.48 -7.89 -2.98
C SER A 46 13.63 -6.96 -4.16
N TRP A 47 14.01 -5.72 -3.90
CA TRP A 47 14.17 -4.75 -4.96
C TRP A 47 15.27 -5.22 -5.88
N ASP A 48 16.36 -5.73 -5.32
CA ASP A 48 17.48 -6.14 -6.15
C ASP A 48 17.08 -7.27 -7.07
N TYR A 49 16.34 -8.24 -6.54
CA TYR A 49 15.90 -9.35 -7.37
C TYR A 49 14.96 -8.88 -8.48
N ASN A 50 14.05 -7.98 -8.16
CA ASN A 50 13.11 -7.54 -9.17
C ASN A 50 13.83 -6.80 -10.29
N THR A 51 14.76 -5.92 -9.93
CA THR A 51 15.50 -5.17 -10.93
C THR A 51 16.40 -6.05 -11.79
N ASN A 52 17.11 -6.98 -11.17
CA ASN A 52 17.94 -7.90 -11.95
C ASN A 52 17.61 -9.32 -11.56
N ILE A 53 17.20 -10.14 -12.50
CA ILE A 53 16.79 -11.48 -12.15
C ILE A 53 17.96 -12.43 -12.33
N SER A 54 18.43 -13.00 -11.23
CA SER A 54 19.54 -13.93 -11.29
C SER A 54 19.33 -14.87 -10.12
N ASP A 55 19.90 -16.07 -10.18
CA ASP A 55 19.70 -17.06 -9.12
C ASP A 55 20.11 -16.80 -7.67
N GLU A 56 21.26 -16.18 -7.49
CA GLU A 56 21.70 -15.81 -6.14
C GLU A 56 20.92 -14.60 -5.54
N ASN A 57 20.27 -13.86 -6.46
CA ASN A 57 19.45 -12.75 -6.01
C ASN A 57 18.26 -13.44 -5.41
N VAL A 58 17.82 -14.55 -6.00
CA VAL A 58 16.76 -15.29 -5.35
C VAL A 58 17.23 -15.81 -4.02
N GLN A 59 18.44 -16.36 -3.97
CA GLN A 59 18.91 -16.95 -2.73
C GLN A 59 19.01 -15.92 -1.62
N LYS A 60 19.56 -14.75 -1.94
CA LYS A 60 19.71 -13.70 -0.94
C LYS A 60 18.34 -13.24 -0.48
N MET A 61 17.39 -13.16 -1.42
CA MET A 61 16.05 -12.72 -1.08
C MET A 61 15.44 -13.67 -0.07
N ASN A 62 15.59 -14.96 -0.30
CA ASN A 62 15.01 -15.94 0.60
C ASN A 62 15.57 -15.87 2.01
N ASN A 63 16.88 -15.69 2.12
CA ASN A 63 17.49 -15.65 3.44
C ASN A 63 16.98 -14.48 4.27
N ALA A 64 16.90 -13.31 3.64
CA ALA A 64 16.44 -12.13 4.35
C ALA A 64 15.00 -12.28 4.81
N GLY A 65 14.16 -12.83 3.95
CA GLY A 65 12.76 -13.00 4.29
C GLY A 65 12.59 -13.94 5.46
N ALA A 66 13.38 -15.01 5.50
CA ALA A 66 13.26 -15.97 6.57
C ALA A 66 13.53 -15.39 7.94
N LYS A 67 14.57 -14.57 8.05
CA LYS A 67 14.90 -14.00 9.34
C LYS A 67 13.84 -13.04 9.83
N TRP A 68 13.25 -12.29 8.90
CA TRP A 68 12.23 -11.33 9.28
C TRP A 68 11.04 -12.09 9.85
N SER A 69 10.65 -13.16 9.17
CA SER A 69 9.49 -13.92 9.62
C SER A 69 9.74 -14.56 10.97
N ALA A 70 10.93 -15.09 11.18
CA ALA A 70 11.25 -15.74 12.44
C ALA A 70 11.19 -14.73 13.57
N PHE A 71 11.71 -13.54 13.33
CA PHE A 71 11.74 -12.51 14.36
C PHE A 71 10.31 -12.18 14.75
N TYR A 72 9.43 -12.07 13.77
CA TYR A 72 8.06 -11.70 14.05
C TYR A 72 7.38 -12.73 14.93
N GLU A 73 7.63 -14.01 14.67
CA GLU A 73 6.96 -15.04 15.44
C GLU A 73 7.32 -14.97 16.92
N GLU A 74 8.59 -14.75 17.22
CA GLU A 74 9.01 -14.70 18.61
C GLU A 74 8.34 -13.55 19.32
N GLN A 75 8.27 -12.40 18.66
CA GLN A 75 7.66 -11.23 19.26
C GLN A 75 6.19 -11.46 19.52
N SER A 76 5.52 -12.14 18.59
CA SER A 76 4.10 -12.40 18.75
C SER A 76 3.84 -13.26 19.97
N LYS A 77 4.68 -14.27 20.18
CA LYS A 77 4.54 -15.12 21.36
C LYS A 77 4.75 -14.34 22.64
N LEU A 78 5.74 -13.46 22.65
CA LEU A 78 5.99 -12.64 23.82
C LEU A 78 4.82 -11.71 24.10
N ALA A 79 4.25 -11.17 23.03
CA ALA A 79 3.11 -10.28 23.17
C ALA A 79 1.88 -10.91 23.78
N LYS A 80 1.62 -12.16 23.43
CA LYS A 80 0.41 -12.82 23.92
C LYS A 80 0.37 -13.02 25.43
N THR A 81 1.53 -13.16 26.06
CA THR A 81 1.55 -13.24 27.52
C THR A 81 1.60 -11.85 28.15
N TYR A 82 0.57 -11.05 27.89
CA TYR A 82 0.50 -9.67 28.41
C TYR A 82 -0.98 -9.37 28.31
N PRO A 83 -1.64 -9.11 29.43
CA PRO A 83 -3.09 -8.91 29.32
C PRO A 83 -3.43 -7.66 28.50
N LEU A 84 -4.40 -7.76 27.60
CA LEU A 84 -4.74 -6.64 26.74
C LEU A 84 -5.77 -5.74 27.41
N GLU A 85 -6.76 -6.35 28.04
CA GLU A 85 -7.81 -5.60 28.73
C GLU A 85 -7.22 -4.63 29.75
N GLU A 86 -6.12 -5.02 30.39
CA GLU A 86 -5.50 -4.18 31.40
C GLU A 86 -5.06 -2.83 30.86
N ILE A 87 -4.53 -2.79 29.65
CA ILE A 87 -4.08 -1.54 29.05
C ILE A 87 -5.22 -0.54 28.97
N GLN A 88 -4.97 0.69 29.42
CA GLN A 88 -6.01 1.72 29.40
C GLN A 88 -5.84 2.77 28.31
N ASP A 89 -4.85 2.60 27.45
CA ASP A 89 -4.65 3.56 26.36
C ASP A 89 -5.00 2.93 25.05
N SER A 90 -5.84 3.59 24.27
CA SER A 90 -6.30 3.01 23.02
C SER A 90 -5.15 2.82 22.03
N THR A 91 -4.26 3.79 21.93
CA THR A 91 -3.17 3.68 20.97
C THR A 91 -2.31 2.45 21.24
N VAL A 92 -1.90 2.29 22.49
CA VAL A 92 -1.11 1.12 22.86
C VAL A 92 -1.83 -0.19 22.66
N LYS A 93 -3.12 -0.21 22.98
CA LYS A 93 -3.89 -1.44 22.84
C LYS A 93 -3.98 -1.88 21.40
N ARG A 94 -4.14 -0.93 20.49
CA ARG A 94 -4.26 -1.28 19.08
C ARG A 94 -2.96 -1.94 18.65
N GLN A 95 -1.85 -1.37 19.06
CA GLN A 95 -0.56 -1.94 18.68
C GLN A 95 -0.34 -3.33 19.26
N LEU A 96 -0.68 -3.52 20.52
CA LEU A 96 -0.53 -4.84 21.13
C LEU A 96 -1.47 -5.80 20.43
N ARG A 97 -2.65 -5.34 20.08
CA ARG A 97 -3.63 -6.22 19.46
C ARG A 97 -3.08 -6.81 18.18
N ALA A 98 -2.46 -5.98 17.36
CA ALA A 98 -1.91 -6.46 16.10
C ALA A 98 -0.84 -7.52 16.28
N LEU A 99 0.07 -7.32 17.23
CA LEU A 99 1.09 -8.32 17.52
C LEU A 99 0.48 -9.60 18.05
N GLN A 100 -0.55 -9.48 18.88
CA GLN A 100 -1.15 -10.66 19.51
C GLN A 100 -1.99 -11.62 18.69
N HIS A 101 -2.30 -11.30 17.45
CA HIS A 101 -3.23 -12.17 16.72
C HIS A 101 -2.78 -13.62 16.60
N SER A 102 -1.53 -13.89 16.19
CA SER A 102 -1.01 -15.28 16.20
C SER A 102 -1.93 -16.35 15.62
N GLY A 103 -2.46 -16.15 14.42
CA GLY A 103 -3.43 -17.11 13.91
C GLY A 103 -3.06 -18.57 13.66
N SER A 104 -1.93 -18.85 13.02
CA SER A 104 -1.60 -20.24 12.68
C SER A 104 -0.70 -20.92 13.69
N SER A 105 -0.24 -20.18 14.68
CA SER A 105 0.63 -20.75 15.71
C SER A 105 -0.11 -21.82 16.48
N VAL A 106 -1.40 -21.61 16.71
CA VAL A 106 -2.18 -22.55 17.50
C VAL A 106 -2.25 -23.98 16.95
N LEU A 107 -2.36 -24.13 15.63
CA LEU A 107 -2.47 -25.47 15.05
C LEU A 107 -1.25 -26.35 15.27
N SER A 108 -1.47 -27.66 15.36
CA SER A 108 -0.37 -28.60 15.59
C SER A 108 0.67 -28.65 14.50
N ALA A 109 1.91 -28.98 14.85
CA ALA A 109 2.99 -28.96 13.87
C ALA A 109 2.84 -29.81 12.62
N ASP A 110 2.46 -31.07 12.78
CA ASP A 110 2.21 -31.90 11.60
C ASP A 110 0.89 -31.59 10.84
N LYS A 111 -0.04 -31.03 11.59
CA LYS A 111 -1.28 -30.55 11.00
C LYS A 111 -0.71 -29.38 10.21
N ASN A 112 0.18 -28.62 10.83
CA ASN A 112 0.77 -27.48 10.14
C ASN A 112 1.44 -27.91 8.86
N GLN A 113 2.27 -28.95 8.96
CA GLN A 113 2.95 -29.47 7.78
C GLN A 113 2.05 -29.98 6.69
N ARG A 114 0.99 -30.68 7.06
CA ARG A 114 0.07 -31.22 6.07
C ARG A 114 -0.59 -30.08 5.31
N LEU A 115 -1.00 -29.04 6.02
CA LEU A 115 -1.67 -27.92 5.39
C LEU A 115 -0.73 -27.23 4.40
N ASN A 116 0.53 -27.08 4.78
CA ASN A 116 1.48 -26.40 3.91
C ASN A 116 1.64 -27.16 2.62
N THR A 117 1.72 -28.49 2.72
CA THR A 117 1.87 -29.31 1.53
C THR A 117 0.69 -29.15 0.60
N ILE A 118 -0.51 -29.11 1.16
CA ILE A 118 -1.70 -28.98 0.33
C ILE A 118 -1.63 -27.67 -0.43
N LEU A 119 -1.27 -26.59 0.27
CA LEU A 119 -1.24 -25.30 -0.39
C LEU A 119 -0.22 -25.23 -1.51
N ASN A 120 0.95 -25.79 -1.28
CA ASN A 120 1.99 -25.78 -2.30
C ASN A 120 1.54 -26.56 -3.52
N SER A 121 0.92 -27.71 -3.29
CA SER A 121 0.47 -28.53 -4.40
C SER A 121 -0.54 -27.84 -5.29
N MET A 122 -1.51 -27.18 -4.70
CA MET A 122 -2.54 -26.54 -5.51
C MET A 122 -1.97 -25.40 -6.34
N SER A 123 -1.01 -24.67 -5.76
CA SER A 123 -0.42 -23.55 -6.48
C SER A 123 0.31 -24.09 -7.70
N THR A 124 1.06 -25.18 -7.52
CA THR A 124 1.80 -25.75 -8.63
C THR A 124 0.87 -26.27 -9.72
N ILE A 125 -0.23 -26.89 -9.32
CA ILE A 125 -1.14 -27.45 -10.32
C ILE A 125 -1.68 -26.31 -11.17
N TYR A 126 -2.04 -25.20 -10.53
CA TYR A 126 -2.60 -24.08 -11.27
C TYR A 126 -1.57 -23.51 -12.25
N SER A 127 -0.34 -23.33 -11.78
CA SER A 127 0.69 -22.74 -12.62
C SER A 127 1.09 -23.59 -13.82
N THR A 128 1.21 -24.90 -13.63
CA THR A 128 1.68 -25.76 -14.71
C THR A 128 0.57 -26.38 -15.55
N GLY A 129 -0.68 -26.05 -15.25
CA GLY A 129 -1.77 -26.69 -15.96
C GLY A 129 -1.77 -26.41 -17.44
N LYS A 130 -1.98 -27.46 -18.24
CA LYS A 130 -2.00 -27.30 -19.67
C LYS A 130 -3.25 -27.94 -20.25
N ALA A 131 -3.92 -27.24 -21.15
CA ALA A 131 -5.10 -27.79 -21.79
C ALA A 131 -4.79 -28.07 -23.24
N CYS A 132 -5.06 -29.29 -23.70
CA CYS A 132 -4.71 -29.64 -25.06
C CYS A 132 -5.90 -29.61 -26.00
N ASN A 133 -5.69 -29.10 -27.20
CA ASN A 133 -6.77 -28.97 -28.17
C ASN A 133 -7.34 -30.33 -28.52
N PRO A 134 -8.67 -30.44 -28.51
CA PRO A 134 -9.24 -31.71 -28.95
C PRO A 134 -8.92 -32.03 -30.40
N SER A 135 -9.03 -31.03 -31.27
CA SER A 135 -8.79 -31.26 -32.69
C SER A 135 -7.34 -31.57 -33.01
N ASN A 136 -6.41 -30.94 -32.30
CA ASN A 136 -5.01 -31.28 -32.48
C ASN A 136 -4.43 -31.77 -31.18
N PRO A 137 -4.11 -33.06 -31.12
CA PRO A 137 -3.55 -33.64 -29.90
C PRO A 137 -2.20 -33.02 -29.59
N GLN A 138 -1.41 -32.77 -30.62
CA GLN A 138 -0.10 -32.19 -30.44
C GLN A 138 -0.18 -30.81 -29.81
N GLU A 139 -1.15 -30.01 -30.23
CA GLU A 139 -1.22 -28.66 -29.70
C GLU A 139 -1.70 -28.71 -28.27
N CYS A 140 -0.90 -28.18 -27.36
CA CYS A 140 -1.29 -28.10 -25.97
C CYS A 140 -1.00 -26.69 -25.51
N LEU A 141 -1.96 -26.06 -24.85
CA LEU A 141 -1.77 -24.66 -24.48
C LEU A 141 -1.69 -24.33 -23.00
N LEU A 142 -0.61 -23.68 -22.58
CA LEU A 142 -0.53 -23.25 -21.19
C LEU A 142 -1.39 -22.02 -21.01
N LEU A 143 -1.98 -21.86 -19.83
CA LEU A 143 -2.89 -20.74 -19.64
C LEU A 143 -2.23 -19.39 -19.77
N GLU A 144 -1.08 -19.21 -19.16
CA GLU A 144 -0.45 -17.88 -19.16
C GLU A 144 -0.04 -17.29 -20.51
N PRO A 145 0.50 -18.11 -21.42
CA PRO A 145 0.79 -17.48 -22.69
C PRO A 145 0.13 -18.27 -23.81
N GLY A 146 -1.18 -18.20 -23.87
CA GLY A 146 -1.90 -18.93 -24.90
C GLY A 146 -3.39 -19.03 -24.66
N LEU A 147 -3.78 -19.67 -23.58
CA LEU A 147 -5.21 -19.88 -23.35
C LEU A 147 -5.99 -18.58 -23.19
N ASP A 148 -5.43 -17.63 -22.44
CA ASP A 148 -6.11 -16.35 -22.27
C ASP A 148 -6.21 -15.59 -23.58
N ASP A 149 -5.17 -15.66 -24.39
CA ASP A 149 -5.17 -14.97 -25.66
C ASP A 149 -6.28 -15.54 -26.52
N ILE A 150 -6.42 -16.85 -26.51
CA ILE A 150 -7.45 -17.49 -27.32
C ILE A 150 -8.81 -17.02 -26.85
N MET A 151 -9.02 -16.98 -25.53
CA MET A 151 -10.33 -16.62 -25.03
C MET A 151 -10.52 -15.15 -25.34
N GLU A 152 -9.48 -14.35 -25.14
CA GLU A 152 -9.63 -12.93 -25.45
C GLU A 152 -10.06 -12.62 -26.91
N ASN A 153 -9.27 -13.09 -27.87
CA ASN A 153 -9.58 -12.80 -29.27
C ASN A 153 -10.64 -13.61 -30.03
N SER A 154 -10.84 -14.89 -29.72
CA SER A 154 -11.75 -15.69 -30.53
C SER A 154 -13.19 -15.27 -30.63
N LYS A 155 -13.73 -15.31 -31.85
CA LYS A 155 -15.14 -15.02 -32.03
C LYS A 155 -15.86 -16.31 -32.43
N ASP A 156 -15.15 -17.43 -32.36
CA ASP A 156 -15.73 -18.70 -32.78
C ASP A 156 -16.23 -19.47 -31.58
N TYR A 157 -17.48 -19.90 -31.62
CA TYR A 157 -18.08 -20.55 -30.46
C TYR A 157 -17.32 -21.82 -30.15
N ASN A 158 -16.97 -22.57 -31.18
CA ASN A 158 -16.26 -23.83 -30.98
C ASN A 158 -14.94 -23.65 -30.24
N GLU A 159 -14.13 -22.71 -30.71
CA GLU A 159 -12.85 -22.44 -30.07
C GLU A 159 -12.92 -21.99 -28.63
N ARG A 160 -13.86 -21.11 -28.33
CA ARG A 160 -14.01 -20.63 -26.97
C ARG A 160 -14.39 -21.80 -26.09
N LEU A 161 -15.27 -22.67 -26.59
CA LEU A 161 -15.71 -23.80 -25.81
C LEU A 161 -14.57 -24.73 -25.45
N TRP A 162 -13.69 -25.03 -26.40
CA TRP A 162 -12.64 -25.99 -26.07
C TRP A 162 -11.76 -25.44 -24.96
N ALA A 163 -11.44 -24.16 -25.03
CA ALA A 163 -10.55 -23.59 -24.03
C ALA A 163 -11.21 -23.62 -22.66
N TRP A 164 -12.48 -23.26 -22.59
CA TRP A 164 -13.16 -23.21 -21.31
C TRP A 164 -13.23 -24.57 -20.69
N GLU A 165 -13.64 -25.55 -21.48
CA GLU A 165 -13.77 -26.90 -20.95
C GLU A 165 -12.43 -27.49 -20.56
N GLY A 166 -11.42 -27.26 -21.38
CA GLY A 166 -10.14 -27.87 -21.11
C GLY A 166 -9.56 -27.41 -19.80
N TRP A 167 -9.64 -26.12 -19.52
CA TRP A 167 -9.03 -25.63 -18.30
C TRP A 167 -9.88 -26.23 -17.21
N ARG A 168 -11.18 -26.23 -17.41
CA ARG A 168 -12.06 -26.77 -16.39
C ARG A 168 -11.72 -28.21 -16.03
N SER A 169 -11.67 -29.06 -17.04
CA SER A 169 -11.36 -30.45 -16.77
C SER A 169 -10.02 -30.83 -16.18
N GLU A 170 -8.93 -30.25 -16.66
CA GLU A 170 -7.66 -30.70 -16.11
C GLU A 170 -7.40 -30.16 -14.73
N VAL A 171 -7.48 -28.84 -14.57
CA VAL A 171 -7.18 -28.24 -13.28
C VAL A 171 -8.21 -28.49 -12.19
N GLY A 172 -9.49 -28.35 -12.51
CA GLY A 172 -10.50 -28.46 -11.48
C GLY A 172 -10.61 -29.82 -10.84
N LYS A 173 -10.55 -30.86 -11.65
CA LYS A 173 -10.65 -32.21 -11.12
C LYS A 173 -9.48 -32.54 -10.22
N GLN A 174 -8.27 -32.14 -10.62
CA GLN A 174 -7.10 -32.37 -9.80
C GLN A 174 -7.18 -31.60 -8.49
N LEU A 175 -7.65 -30.36 -8.57
CA LEU A 175 -7.74 -29.50 -7.38
C LEU A 175 -8.72 -29.93 -6.31
N ARG A 176 -9.83 -30.55 -6.68
CA ARG A 176 -10.88 -30.84 -5.68
C ARG A 176 -10.56 -31.69 -4.46
N PRO A 177 -9.80 -32.80 -4.61
CA PRO A 177 -9.52 -33.52 -3.37
C PRO A 177 -8.72 -32.66 -2.40
N LEU A 178 -7.74 -31.92 -2.91
CA LEU A 178 -6.95 -31.06 -2.07
C LEU A 178 -7.80 -29.99 -1.44
N TYR A 179 -8.75 -29.44 -2.20
CA TYR A 179 -9.57 -28.36 -1.69
C TYR A 179 -10.38 -28.79 -0.49
N GLU A 180 -10.95 -29.99 -0.54
CA GLU A 180 -11.77 -30.45 0.56
C GLU A 180 -10.96 -30.57 1.83
N GLU A 181 -9.76 -31.12 1.72
CA GLU A 181 -8.88 -31.25 2.87
C GLU A 181 -8.52 -29.82 3.19
N TYR A 182 -8.34 -29.01 2.16
CA TYR A 182 -8.04 -27.59 2.38
C TYR A 182 -8.99 -26.90 3.42
N VAL A 183 -10.27 -26.97 3.08
CA VAL A 183 -11.30 -26.47 3.98
C VAL A 183 -11.40 -26.96 5.41
N ALA A 184 -11.27 -28.27 5.60
CA ALA A 184 -11.39 -28.81 6.95
C ALA A 184 -10.37 -28.31 7.95
N LEU A 185 -9.11 -28.28 7.55
CA LEU A 185 -8.06 -27.82 8.46
C LEU A 185 -8.10 -26.32 8.74
N LYS A 186 -8.53 -25.56 7.75
CA LYS A 186 -8.62 -24.11 7.91
C LYS A 186 -9.66 -23.85 8.97
N ASN A 187 -10.78 -24.57 8.87
CA ASN A 187 -11.85 -24.38 9.84
C ASN A 187 -11.38 -24.76 11.22
N GLU A 188 -10.60 -25.84 11.31
CA GLU A 188 -10.09 -26.28 12.60
C GLU A 188 -9.21 -25.27 13.32
N MET A 189 -8.30 -24.63 12.60
CA MET A 189 -7.44 -23.62 13.21
C MET A 189 -8.23 -22.39 13.63
N ALA A 190 -9.26 -22.07 12.85
CA ALA A 190 -10.10 -20.93 13.16
C ALA A 190 -10.79 -21.14 14.49
N ARG A 191 -11.34 -22.33 14.71
CA ARG A 191 -12.01 -22.63 15.97
C ARG A 191 -11.03 -22.68 17.13
N ALA A 192 -9.81 -23.11 16.85
CA ALA A 192 -8.75 -23.12 17.86
C ALA A 192 -8.48 -21.67 18.21
N ASN A 193 -8.50 -20.79 17.21
CA ASN A 193 -8.27 -19.36 17.43
C ASN A 193 -9.53 -18.69 17.92
N ASN A 194 -10.62 -19.44 18.11
CA ASN A 194 -11.92 -18.93 18.63
C ASN A 194 -12.86 -18.28 17.63
N TYR A 195 -12.48 -18.25 16.36
CA TYR A 195 -13.40 -17.76 15.35
C TYR A 195 -14.34 -18.90 15.04
N GLU A 196 -15.57 -18.59 14.70
CA GLU A 196 -16.56 -19.64 14.43
C GLU A 196 -16.16 -20.49 13.24
N ASP A 197 -15.66 -19.87 12.18
CA ASP A 197 -15.28 -20.60 10.98
C ASP A 197 -14.23 -19.79 10.26
N TYR A 198 -13.64 -20.36 9.21
CA TYR A 198 -12.62 -19.67 8.44
C TYR A 198 -13.19 -18.39 7.84
N GLY A 199 -14.46 -18.42 7.43
CA GLY A 199 -15.08 -17.22 6.93
C GLY A 199 -15.10 -15.94 7.73
N ASP A 200 -15.43 -16.02 9.01
CA ASP A 200 -15.28 -14.83 9.88
C ASP A 200 -13.83 -14.48 10.37
N TYR A 201 -12.99 -15.50 10.22
CA TYR A 201 -11.57 -15.34 10.48
C TYR A 201 -11.28 -14.32 9.39
N TRP A 202 -11.76 -14.59 8.18
CA TRP A 202 -11.56 -13.65 7.08
C TRP A 202 -12.30 -12.33 7.31
N ARG A 203 -13.50 -12.39 7.89
CA ARG A 203 -14.31 -11.19 8.12
C ARG A 203 -13.79 -10.29 9.22
N GLY A 204 -12.84 -10.78 10.01
CA GLY A 204 -12.36 -10.02 11.15
C GLY A 204 -11.77 -8.66 10.88
N ASP A 205 -11.09 -8.47 9.76
CA ASP A 205 -10.40 -7.21 9.51
C ASP A 205 -11.33 -5.99 9.47
N TYR A 206 -12.50 -6.12 8.87
CA TYR A 206 -13.44 -5.02 8.82
C TYR A 206 -13.90 -4.69 10.23
N GLU A 207 -14.01 -5.70 11.08
CA GLU A 207 -14.48 -5.47 12.44
C GLU A 207 -13.61 -4.52 13.25
N GLU A 208 -14.25 -3.54 13.90
CA GLU A 208 -13.50 -2.56 14.67
C GLU A 208 -14.20 -2.27 15.98
N GLU A 209 -13.46 -1.93 17.02
CA GLU A 209 -14.11 -1.56 18.28
C GLU A 209 -13.70 -0.18 18.76
N TRP A 210 -14.68 0.70 18.96
CA TRP A 210 -14.39 2.03 19.49
C TRP A 210 -15.55 2.46 20.36
N GLU A 211 -15.26 3.25 21.39
CA GLU A 211 -16.30 3.65 22.32
C GLU A 211 -17.53 4.44 21.90
N ASN A 212 -17.36 5.53 21.18
CA ASN A 212 -18.52 6.35 20.83
C ASN A 212 -19.09 6.03 19.42
N GLY A 213 -19.80 4.91 19.36
CA GLY A 213 -20.41 4.49 18.11
C GLY A 213 -19.64 4.26 16.81
N TYR A 214 -18.37 3.92 16.91
CA TYR A 214 -17.60 3.60 15.72
C TYR A 214 -17.46 2.09 15.67
N ASN A 215 -18.18 1.42 16.54
CA ASN A 215 -18.11 -0.04 16.59
C ASN A 215 -18.60 -0.71 15.31
N TYR A 216 -17.90 -1.75 14.88
CA TYR A 216 -18.29 -2.48 13.69
C TYR A 216 -18.12 -3.91 14.12
N SER A 217 -18.91 -4.82 13.56
CA SER A 217 -18.80 -6.23 13.89
C SER A 217 -18.86 -7.04 12.63
N ARG A 218 -18.37 -8.28 12.66
CA ARG A 218 -18.38 -9.11 11.47
C ARG A 218 -19.78 -9.42 10.98
N ASN A 219 -20.72 -9.60 11.90
CA ASN A 219 -22.10 -9.85 11.52
C ASN A 219 -22.64 -8.73 10.66
N GLN A 220 -22.40 -7.50 11.09
CA GLN A 220 -22.87 -6.33 10.34
C GLN A 220 -22.39 -6.21 8.91
N LEU A 221 -21.16 -6.60 8.65
CA LEU A 221 -20.61 -6.44 7.31
C LEU A 221 -21.43 -7.19 6.28
N ILE A 222 -21.85 -8.40 6.60
CA ILE A 222 -22.60 -9.19 5.64
C ILE A 222 -23.90 -8.49 5.28
N ASP A 223 -24.58 -7.95 6.28
CA ASP A 223 -25.85 -7.28 6.03
C ASP A 223 -25.66 -6.05 5.16
N ASP A 224 -24.59 -5.30 5.40
CA ASP A 224 -24.33 -4.10 4.62
C ASP A 224 -24.11 -4.44 3.16
N VAL A 225 -23.40 -5.53 2.89
CA VAL A 225 -23.14 -5.93 1.52
C VAL A 225 -24.47 -6.25 0.82
N GLU A 226 -25.37 -6.92 1.51
CA GLU A 226 -26.64 -7.27 0.89
C GLU A 226 -27.43 -6.03 0.51
N HIS A 227 -27.44 -5.04 1.39
CA HIS A 227 -28.22 -3.84 1.12
C HIS A 227 -27.68 -3.11 -0.10
N THR A 228 -26.37 -2.99 -0.20
CA THR A 228 -25.80 -2.28 -1.33
C THR A 228 -26.11 -3.00 -2.62
N PHE A 229 -26.06 -4.33 -2.59
CA PHE A 229 -26.32 -5.10 -3.78
C PHE A 229 -27.73 -4.92 -4.33
N THR A 230 -28.72 -4.86 -3.45
CA THR A 230 -30.08 -4.71 -3.91
C THR A 230 -30.23 -3.39 -4.66
N GLN A 231 -29.64 -2.33 -4.14
CA GLN A 231 -29.69 -1.05 -4.82
C GLN A 231 -29.11 -0.92 -6.23
N ILE A 232 -27.94 -1.50 -6.46
CA ILE A 232 -27.32 -1.48 -7.80
C ILE A 232 -27.95 -2.53 -8.78
N MET A 233 -28.86 -3.33 -8.27
CA MET A 233 -29.49 -4.34 -9.14
C MET A 233 -30.16 -3.83 -10.43
N PRO A 234 -30.96 -2.75 -10.37
CA PRO A 234 -31.54 -2.30 -11.64
C PRO A 234 -30.52 -1.95 -12.73
N LEU A 235 -29.47 -1.20 -12.39
CA LEU A 235 -28.51 -0.78 -13.40
C LEU A 235 -27.91 -1.98 -14.10
N TYR A 236 -27.58 -3.02 -13.33
CA TYR A 236 -26.98 -4.20 -13.91
C TYR A 236 -27.87 -4.88 -14.93
N GLN A 237 -29.16 -5.00 -14.62
CA GLN A 237 -30.06 -5.70 -15.52
C GLN A 237 -30.23 -4.97 -16.86
N HIS A 238 -30.24 -3.65 -16.82
CA HIS A 238 -30.33 -2.89 -18.06
C HIS A 238 -29.08 -3.12 -18.89
N LEU A 239 -27.93 -3.13 -18.24
CA LEU A 239 -26.68 -3.39 -18.96
C LEU A 239 -26.71 -4.79 -19.54
N HIS A 240 -27.23 -5.74 -18.78
CA HIS A 240 -27.28 -7.12 -19.23
C HIS A 240 -28.12 -7.23 -20.50
N ALA A 241 -29.25 -6.54 -20.52
CA ALA A 241 -30.12 -6.56 -21.70
C ALA A 241 -29.44 -5.96 -22.92
N TYR A 242 -28.75 -4.85 -22.75
CA TYR A 242 -28.08 -4.20 -23.87
C TYR A 242 -27.00 -5.11 -24.43
N VAL A 243 -26.24 -5.74 -23.54
CA VAL A 243 -25.16 -6.61 -23.98
C VAL A 243 -25.88 -7.74 -24.69
N ARG A 244 -27.05 -8.12 -24.17
CA ARG A 244 -27.77 -9.21 -24.79
C ARG A 244 -28.00 -9.00 -26.31
N THR A 245 -28.58 -7.86 -26.65
CA THR A 245 -28.78 -7.53 -28.05
C THR A 245 -27.56 -7.38 -28.96
N LYS A 246 -26.49 -6.78 -28.45
CA LYS A 246 -25.28 -6.66 -29.26
C LYS A 246 -24.64 -7.98 -29.62
N LEU A 247 -24.58 -8.90 -28.67
CA LEU A 247 -24.02 -10.22 -28.94
C LEU A 247 -24.93 -11.07 -29.82
N MET A 248 -26.20 -10.71 -29.85
CA MET A 248 -27.16 -11.43 -30.67
C MET A 248 -26.71 -11.26 -32.11
N ASP A 249 -26.26 -10.08 -32.48
CA ASP A 249 -25.76 -9.92 -33.83
C ASP A 249 -24.61 -10.84 -34.23
N THR A 250 -23.60 -10.96 -33.38
CA THR A 250 -22.51 -11.89 -33.66
C THR A 250 -22.80 -13.39 -33.51
N TYR A 251 -23.71 -13.72 -32.60
CA TYR A 251 -24.06 -15.11 -32.35
C TYR A 251 -25.55 -15.31 -32.37
N PRO A 252 -26.19 -15.17 -33.53
CA PRO A 252 -27.66 -15.24 -33.52
C PRO A 252 -28.25 -16.57 -33.10
N SER A 253 -27.72 -17.67 -33.63
CA SER A 253 -28.24 -18.99 -33.30
C SER A 253 -28.02 -19.34 -31.85
N TYR A 254 -26.85 -19.01 -31.33
CA TYR A 254 -26.50 -19.42 -29.98
C TYR A 254 -27.26 -18.88 -28.78
N ILE A 255 -27.62 -17.60 -28.77
CA ILE A 255 -28.26 -17.05 -27.57
C ILE A 255 -29.71 -16.70 -27.81
N SER A 256 -30.59 -17.34 -27.04
CA SER A 256 -32.01 -17.05 -27.13
C SER A 256 -32.11 -15.85 -26.25
N PRO A 257 -32.79 -14.80 -26.71
CA PRO A 257 -32.86 -13.56 -25.95
C PRO A 257 -33.10 -13.71 -24.46
N THR A 258 -34.32 -14.04 -24.05
CA THR A 258 -34.68 -14.12 -22.64
C THR A 258 -33.59 -14.79 -21.83
N GLY A 259 -32.93 -15.79 -22.39
CA GLY A 259 -31.93 -16.54 -21.66
C GLY A 259 -30.64 -15.92 -21.20
N CYS A 260 -30.07 -16.47 -20.14
CA CYS A 260 -28.81 -15.98 -19.61
C CYS A 260 -27.65 -16.16 -20.57
N LEU A 261 -26.69 -15.24 -20.53
CA LEU A 261 -25.52 -15.35 -21.40
C LEU A 261 -24.65 -16.56 -21.08
N PRO A 262 -24.14 -17.24 -22.12
CA PRO A 262 -23.24 -18.37 -21.90
C PRO A 262 -21.92 -17.95 -21.27
N ALA A 263 -21.37 -18.76 -20.38
CA ALA A 263 -20.15 -18.38 -19.66
C ALA A 263 -18.92 -18.16 -20.52
N HIS A 264 -18.70 -19.03 -21.49
CA HIS A 264 -17.52 -18.91 -22.34
C HIS A 264 -17.43 -17.64 -23.18
N LEU A 265 -18.55 -17.17 -23.69
CA LEU A 265 -18.57 -15.97 -24.56
C LEU A 265 -18.33 -14.59 -23.94
N LEU A 266 -18.22 -14.53 -22.62
CA LEU A 266 -18.09 -13.23 -21.91
C LEU A 266 -16.74 -12.53 -22.16
N GLY A 267 -15.76 -13.24 -22.70
CA GLY A 267 -14.47 -12.64 -23.02
C GLY A 267 -13.37 -12.85 -22.02
N ASP A 268 -13.69 -13.42 -20.88
CA ASP A 268 -12.67 -13.73 -19.89
C ASP A 268 -12.93 -15.19 -19.51
N MET A 269 -11.89 -15.92 -19.14
CA MET A 269 -12.06 -17.32 -18.81
C MET A 269 -13.00 -17.47 -17.62
N TRP A 270 -12.81 -16.63 -16.62
CA TRP A 270 -13.67 -16.68 -15.46
C TRP A 270 -14.83 -15.69 -15.49
N GLY A 271 -14.88 -14.87 -16.53
CA GLY A 271 -15.98 -13.93 -16.68
C GLY A 271 -15.98 -12.73 -15.76
N ARG A 272 -14.84 -12.44 -15.12
CA ARG A 272 -14.77 -11.33 -14.18
C ARG A 272 -15.01 -9.97 -14.82
N PHE A 273 -14.46 -9.74 -16.01
CA PHE A 273 -14.57 -8.41 -16.61
C PHE A 273 -15.23 -8.40 -17.98
N TRP A 274 -16.06 -7.40 -18.23
CA TRP A 274 -16.78 -7.31 -19.49
C TRP A 274 -16.06 -6.36 -20.44
N THR A 275 -14.86 -5.94 -20.09
CA THR A 275 -14.10 -4.97 -20.92
C THR A 275 -13.86 -5.27 -22.38
N ASN A 276 -13.45 -6.49 -22.69
CA ASN A 276 -13.20 -6.89 -24.07
C ASN A 276 -14.42 -7.03 -25.02
N LEU A 277 -15.59 -7.02 -24.42
CA LEU A 277 -16.85 -7.08 -25.16
C LEU A 277 -17.05 -5.72 -25.81
N TYR A 278 -16.30 -4.70 -25.41
CA TYR A 278 -16.55 -3.35 -25.92
C TYR A 278 -16.50 -3.14 -27.43
N PRO A 279 -15.54 -3.75 -28.15
CA PRO A 279 -15.60 -3.50 -29.59
C PRO A 279 -16.91 -3.97 -30.20
N LEU A 280 -17.43 -5.10 -29.77
CA LEU A 280 -18.73 -5.56 -30.24
C LEU A 280 -19.85 -4.61 -29.80
N THR A 281 -19.76 -4.06 -28.59
CA THR A 281 -20.85 -3.24 -28.06
C THR A 281 -20.81 -1.72 -28.19
N VAL A 282 -19.90 -1.14 -28.96
CA VAL A 282 -19.80 0.34 -28.99
C VAL A 282 -21.13 0.96 -29.39
N PRO A 283 -21.60 1.95 -28.62
CA PRO A 283 -22.84 2.62 -28.97
C PRO A 283 -22.78 3.37 -30.29
N PHE A 284 -21.71 4.11 -30.53
CA PHE A 284 -21.57 4.81 -31.79
C PHE A 284 -20.24 4.45 -32.44
N GLY A 285 -20.30 3.71 -33.54
CA GLY A 285 -19.09 3.30 -34.22
C GLY A 285 -18.26 4.40 -34.82
N GLN A 286 -18.91 5.38 -35.45
CA GLN A 286 -18.18 6.45 -36.12
C GLN A 286 -17.30 7.37 -35.30
N LYS A 287 -17.84 7.87 -34.18
CA LYS A 287 -17.09 8.75 -33.30
C LYS A 287 -16.00 7.98 -32.58
N PRO A 288 -14.79 8.54 -32.56
CA PRO A 288 -13.67 7.87 -31.90
C PRO A 288 -13.34 8.38 -30.50
N ASN A 289 -12.99 7.48 -29.59
CA ASN A 289 -12.57 7.88 -28.25
C ASN A 289 -11.26 8.61 -28.36
N ILE A 290 -11.12 9.70 -27.61
CA ILE A 290 -9.92 10.52 -27.76
C ILE A 290 -8.62 9.83 -27.33
N ASP A 291 -7.58 9.96 -28.13
CA ASP A 291 -6.29 9.40 -27.78
C ASP A 291 -5.23 10.46 -28.02
N VAL A 292 -4.38 10.71 -27.03
CA VAL A 292 -3.35 11.73 -27.18
C VAL A 292 -1.95 11.17 -27.38
N THR A 293 -1.84 9.88 -27.63
CA THR A 293 -0.54 9.26 -27.81
C THR A 293 0.37 9.83 -28.87
N ASN A 294 -0.19 10.01 -30.06
CA ASN A 294 0.55 10.55 -31.18
C ASN A 294 0.86 12.01 -30.94
N ALA A 295 0.01 12.69 -30.19
CA ALA A 295 0.31 14.06 -29.84
C ALA A 295 1.57 14.10 -28.99
N MET A 296 1.70 13.15 -28.06
CA MET A 296 2.89 13.08 -27.26
C MET A 296 4.09 12.82 -28.17
N VAL A 297 3.90 11.94 -29.16
CA VAL A 297 4.98 11.64 -30.08
C VAL A 297 5.37 12.87 -30.88
N ASN A 298 4.37 13.65 -31.31
CA ASN A 298 4.64 14.86 -32.07
C ASN A 298 5.44 15.84 -31.22
N GLN A 299 5.13 15.91 -29.93
CA GLN A 299 5.82 16.83 -29.03
C GLN A 299 7.05 16.21 -28.41
N SER A 300 7.44 15.01 -28.84
CA SER A 300 8.63 14.33 -28.33
C SER A 300 8.65 14.10 -26.82
N TRP A 301 7.51 13.69 -26.28
CA TRP A 301 7.44 13.41 -24.86
C TRP A 301 8.30 12.22 -24.48
N ASP A 302 8.86 12.24 -23.28
CA ASP A 302 9.73 11.16 -22.83
C ASP A 302 9.22 10.66 -21.49
N ALA A 303 9.72 9.53 -21.04
CA ALA A 303 9.21 8.94 -19.79
C ALA A 303 9.41 9.86 -18.61
N ARG A 304 10.55 10.53 -18.53
CA ARG A 304 10.78 11.47 -17.47
C ARG A 304 9.79 12.62 -17.58
N LYS A 305 9.51 13.04 -18.81
CA LYS A 305 8.54 14.10 -19.02
C LYS A 305 7.18 13.68 -18.47
N ILE A 306 6.76 12.46 -18.76
CA ILE A 306 5.46 12.00 -18.31
C ILE A 306 5.35 12.03 -16.80
N PHE A 307 6.40 11.57 -16.13
CA PHE A 307 6.40 11.57 -14.67
C PHE A 307 6.38 12.98 -14.10
N LYS A 308 7.10 13.89 -14.73
CA LYS A 308 7.13 15.27 -14.26
C LYS A 308 5.75 15.90 -14.30
N GLU A 309 5.01 15.66 -15.37
CA GLU A 309 3.65 16.20 -15.47
C GLU A 309 2.74 15.66 -14.39
N ALA A 310 2.87 14.37 -14.09
CA ALA A 310 2.05 13.78 -13.05
C ALA A 310 2.35 14.43 -11.70
N GLU A 311 3.62 14.71 -11.45
CA GLU A 311 4.00 15.36 -10.21
C GLU A 311 3.35 16.74 -10.12
N LYS A 312 3.30 17.45 -11.25
CA LYS A 312 2.71 18.79 -11.25
C LYS A 312 1.24 18.76 -10.87
N PHE A 313 0.51 17.76 -11.32
CA PHE A 313 -0.91 17.66 -10.99
C PHE A 313 -1.09 17.57 -9.48
N PHE A 314 -0.26 16.76 -8.84
CA PHE A 314 -0.33 16.63 -7.39
C PHE A 314 -0.01 17.95 -6.69
N VAL A 315 1.00 18.66 -7.18
CA VAL A 315 1.36 19.94 -6.59
C VAL A 315 0.24 20.98 -6.62
N SER A 316 -0.47 21.08 -7.74
CA SER A 316 -1.59 22.03 -7.84
C SER A 316 -2.79 21.74 -6.94
N VAL A 317 -3.02 20.46 -6.66
CA VAL A 317 -4.10 20.08 -5.75
C VAL A 317 -3.59 20.30 -4.31
N GLY A 318 -2.29 20.56 -4.16
CA GLY A 318 -1.72 20.80 -2.84
C GLY A 318 -1.03 19.73 -2.02
N LEU A 319 -0.95 18.52 -2.55
CA LEU A 319 -0.23 17.45 -1.87
C LEU A 319 1.25 17.62 -2.19
N PRO A 320 2.14 17.25 -1.25
CA PRO A 320 3.58 17.46 -1.45
C PRO A 320 4.22 16.89 -2.71
N ASN A 321 5.20 17.58 -3.28
CA ASN A 321 5.91 17.09 -4.47
C ASN A 321 6.89 15.97 -4.16
N MET A 322 7.23 15.17 -5.16
CA MET A 322 8.10 14.02 -4.96
C MET A 322 9.52 14.26 -4.46
N THR A 323 10.02 13.34 -3.63
CA THR A 323 11.36 13.48 -3.09
C THR A 323 12.60 13.47 -3.97
N GLN A 324 13.62 14.21 -3.57
CA GLN A 324 14.90 14.16 -4.30
C GLN A 324 15.43 12.73 -4.70
N GLY A 325 15.60 11.97 -3.63
CA GLY A 325 15.94 10.56 -3.78
C GLY A 325 15.15 9.61 -4.64
N PHE A 326 13.83 9.77 -4.67
CA PHE A 326 12.99 8.89 -5.45
C PHE A 326 13.37 8.99 -6.92
N TRP A 327 13.61 10.19 -7.43
CA TRP A 327 13.87 10.30 -8.84
C TRP A 327 15.13 9.55 -9.23
N GLU A 328 16.19 9.70 -8.46
CA GLU A 328 17.41 8.94 -8.74
C GLU A 328 17.41 7.42 -8.67
N ASN A 329 16.92 6.87 -7.56
CA ASN A 329 16.89 5.42 -7.41
C ASN A 329 15.82 4.58 -8.14
N SER A 330 14.71 5.23 -8.44
CA SER A 330 13.61 4.54 -9.09
C SER A 330 13.96 4.20 -10.52
N MET A 331 13.50 3.04 -10.99
CA MET A 331 13.73 2.67 -12.37
C MET A 331 12.51 3.14 -13.15
N LEU A 332 12.66 4.24 -13.88
CA LEU A 332 11.51 4.78 -14.59
C LEU A 332 11.44 4.23 -16.01
N THR A 333 12.53 3.64 -16.47
CA THR A 333 12.58 3.07 -17.81
C THR A 333 12.99 1.62 -17.83
N GLU A 334 12.64 0.89 -18.88
CA GLU A 334 13.02 -0.51 -18.97
C GLU A 334 14.54 -0.53 -19.10
N PRO A 335 15.21 -1.36 -18.30
CA PRO A 335 16.66 -1.46 -18.40
C PRO A 335 17.12 -2.05 -19.71
N SER A 336 18.15 -1.47 -20.30
CA SER A 336 18.69 -1.98 -21.55
C SER A 336 19.63 -3.16 -21.36
N ASP A 337 19.90 -3.89 -22.45
CA ASP A 337 20.87 -5.01 -22.41
C ASP A 337 20.65 -6.18 -21.48
N SER A 338 21.67 -6.52 -20.69
CA SER A 338 21.60 -7.71 -19.84
C SER A 338 20.55 -7.83 -18.76
N ARG A 339 20.28 -6.76 -18.04
CA ARG A 339 19.36 -6.89 -16.90
C ARG A 339 17.99 -7.39 -17.28
N LYS A 340 17.45 -8.29 -16.47
CA LYS A 340 16.13 -8.85 -16.74
C LYS A 340 15.19 -8.29 -15.71
N VAL A 341 14.02 -7.83 -16.13
CA VAL A 341 13.12 -7.17 -15.19
C VAL A 341 11.71 -7.70 -15.14
N VAL A 342 11.03 -7.47 -14.02
CA VAL A 342 9.64 -7.87 -13.94
C VAL A 342 8.86 -6.74 -14.60
N CYS A 343 8.03 -7.08 -15.58
CA CYS A 343 7.28 -6.06 -16.32
C CYS A 343 6.25 -5.26 -15.54
N HIS A 344 5.55 -5.89 -14.61
CA HIS A 344 4.46 -5.21 -13.91
C HIS A 344 4.89 -3.96 -13.14
N PRO A 345 4.12 -2.86 -13.32
CA PRO A 345 4.43 -1.63 -12.57
C PRO A 345 4.05 -1.81 -11.12
N THR A 346 4.92 -1.36 -10.22
CA THR A 346 4.65 -1.49 -8.80
C THR A 346 5.16 -0.28 -8.05
N ALA A 347 4.56 0.04 -6.91
CA ALA A 347 5.05 1.15 -6.12
C ALA A 347 5.69 0.55 -4.89
N TRP A 348 6.88 1.00 -4.54
CA TRP A 348 7.59 0.38 -3.44
C TRP A 348 7.83 1.29 -2.28
N ASP A 349 7.41 0.89 -1.08
CA ASP A 349 7.76 1.68 0.09
C ASP A 349 8.78 0.78 0.73
N LEU A 350 10.06 1.05 0.48
CA LEU A 350 11.11 0.23 1.04
C LEU A 350 11.19 0.39 2.55
N GLY A 351 10.98 1.60 3.03
CA GLY A 351 11.10 1.86 4.45
C GLY A 351 12.26 2.80 4.63
N LYS A 352 12.46 3.31 5.84
CA LYS A 352 13.59 4.20 6.11
C LYS A 352 13.64 5.40 5.19
N GLY A 353 12.48 5.96 4.87
CA GLY A 353 12.43 7.14 4.01
C GLY A 353 12.65 6.90 2.54
N ASP A 354 12.62 5.65 2.09
CA ASP A 354 12.89 5.37 0.69
C ASP A 354 11.62 5.00 -0.04
N PHE A 355 11.32 5.75 -1.09
CA PHE A 355 10.12 5.48 -1.87
C PHE A 355 10.55 5.33 -3.31
N ARG A 356 10.14 4.26 -3.98
CA ARG A 356 10.56 4.01 -5.35
C ARG A 356 9.43 3.51 -6.22
N ILE A 357 9.45 3.80 -7.51
CA ILE A 357 8.44 3.23 -8.41
C ILE A 357 9.20 2.48 -9.51
N LYS A 358 8.87 1.20 -9.69
CA LYS A 358 9.52 0.45 -10.75
C LYS A 358 8.56 0.15 -11.84
N MET A 359 8.81 0.70 -13.03
CA MET A 359 7.95 0.44 -14.18
C MET A 359 8.69 0.67 -15.47
N CYS A 360 8.16 0.13 -16.56
CA CYS A 360 8.77 0.37 -17.85
C CYS A 360 7.82 1.31 -18.54
N THR A 361 8.30 2.47 -18.94
CA THR A 361 7.39 3.45 -19.51
C THR A 361 7.55 3.66 -21.00
N LYS A 362 6.45 3.53 -21.73
CA LYS A 362 6.48 3.77 -23.17
C LYS A 362 5.57 4.95 -23.38
N VAL A 363 5.72 5.66 -24.48
CA VAL A 363 4.91 6.86 -24.62
C VAL A 363 3.56 6.41 -25.12
N THR A 364 2.56 6.45 -24.25
CA THR A 364 1.21 6.04 -24.59
C THR A 364 0.27 6.75 -23.66
N MET A 365 -0.99 6.89 -24.06
CA MET A 365 -1.98 7.50 -23.18
C MET A 365 -2.21 6.69 -21.92
N ASP A 366 -2.20 5.37 -22.06
CA ASP A 366 -2.44 4.51 -20.92
C ASP A 366 -1.38 4.71 -19.85
N ASP A 367 -0.12 4.84 -20.29
CA ASP A 367 0.97 5.02 -19.34
C ASP A 367 0.87 6.31 -18.56
N PHE A 368 0.38 7.36 -19.20
CA PHE A 368 0.23 8.64 -18.51
C PHE A 368 -0.73 8.42 -17.36
N LEU A 369 -1.83 7.72 -17.63
CA LEU A 369 -2.78 7.41 -16.56
C LEU A 369 -2.19 6.51 -15.48
N THR A 370 -1.40 5.53 -15.88
CA THR A 370 -0.79 4.61 -14.94
C THR A 370 0.13 5.36 -14.01
N ALA A 371 0.88 6.31 -14.54
CA ALA A 371 1.83 7.05 -13.73
C ALA A 371 1.11 7.79 -12.63
N HIS A 372 -0.04 8.38 -12.95
CA HIS A 372 -0.80 9.10 -11.93
C HIS A 372 -1.25 8.16 -10.82
N HIS A 373 -1.72 6.97 -11.19
CA HIS A 373 -2.19 6.02 -10.18
C HIS A 373 -1.07 5.58 -9.25
N GLU A 374 0.10 5.30 -9.80
CA GLU A 374 1.23 4.87 -8.98
C GLU A 374 1.66 5.98 -8.04
N MET A 375 1.64 7.21 -8.53
CA MET A 375 2.03 8.34 -7.72
C MET A 375 1.09 8.48 -6.54
N GLY A 376 -0.20 8.22 -6.75
CA GLY A 376 -1.15 8.34 -5.67
C GLY A 376 -0.84 7.38 -4.54
N HIS A 377 -0.45 6.15 -4.88
CA HIS A 377 -0.12 5.18 -3.86
C HIS A 377 1.08 5.66 -3.06
N ILE A 378 2.08 6.21 -3.74
CA ILE A 378 3.27 6.69 -3.06
C ILE A 378 2.98 7.85 -2.10
N GLN A 379 2.08 8.74 -2.47
CA GLN A 379 1.71 9.85 -1.59
C GLN A 379 1.13 9.48 -0.24
N TYR A 380 0.27 8.46 -0.21
CA TYR A 380 -0.33 7.97 1.03
C TYR A 380 0.77 7.36 1.88
N ASP A 381 1.72 6.70 1.24
CA ASP A 381 2.80 6.03 1.95
C ASP A 381 3.54 7.13 2.68
N MET A 382 3.78 8.24 2.00
CA MET A 382 4.46 9.37 2.62
C MET A 382 3.64 9.93 3.77
N ALA A 383 2.33 10.01 3.60
CA ALA A 383 1.47 10.59 4.63
C ALA A 383 1.46 9.86 5.97
N TYR A 384 1.47 8.54 5.96
CA TYR A 384 1.37 7.82 7.24
C TYR A 384 2.69 7.46 7.88
N ALA A 385 3.80 7.98 7.35
CA ALA A 385 5.12 7.67 7.88
C ALA A 385 5.29 8.07 9.34
N ALA A 386 4.69 9.20 9.73
CA ALA A 386 4.78 9.68 11.11
C ALA A 386 4.21 8.70 12.11
N GLN A 387 3.20 7.94 11.72
CA GLN A 387 2.56 6.96 12.60
C GLN A 387 3.53 5.85 12.99
N PRO A 388 3.28 5.15 14.10
CA PRO A 388 4.19 4.10 14.56
C PRO A 388 4.29 2.93 13.62
N PHE A 389 5.33 2.11 13.75
CA PHE A 389 5.56 1.02 12.79
C PHE A 389 4.39 0.07 12.69
N LEU A 390 3.80 -0.28 13.82
CA LEU A 390 2.62 -1.14 13.80
C LEU A 390 1.44 -0.47 13.10
N LEU A 391 1.28 0.83 13.28
CA LEU A 391 0.14 1.54 12.71
C LEU A 391 0.37 2.15 11.34
N ARG A 392 1.50 1.85 10.71
CA ARG A 392 1.83 2.46 9.42
C ARG A 392 1.17 1.75 8.24
N ASN A 393 -0.15 1.87 8.12
CA ASN A 393 -0.88 1.18 7.06
C ASN A 393 -2.21 1.85 6.77
N GLY A 394 -2.82 1.52 5.64
CA GLY A 394 -4.14 2.06 5.33
C GLY A 394 -5.17 1.51 6.28
N ALA A 395 -6.25 2.26 6.55
CA ALA A 395 -7.22 1.83 7.54
C ALA A 395 -7.90 0.51 7.21
N ASN A 396 -8.27 0.32 5.95
CA ASN A 396 -8.84 -0.96 5.52
C ASN A 396 -8.35 -1.44 4.18
N GLU A 397 -8.63 -2.68 3.82
CA GLU A 397 -8.15 -3.20 2.55
C GLU A 397 -8.48 -2.29 1.35
N GLY A 398 -9.76 -1.96 1.25
CA GLY A 398 -10.22 -1.04 0.23
C GLY A 398 -9.69 0.37 0.10
N PHE A 399 -9.38 1.02 1.21
CA PHE A 399 -8.99 2.43 1.16
C PHE A 399 -7.75 2.74 0.32
N HIS A 400 -6.71 1.94 0.42
CA HIS A 400 -5.48 2.27 -0.29
C HIS A 400 -5.66 2.30 -1.80
N GLU A 401 -6.33 1.30 -2.34
CA GLU A 401 -6.57 1.25 -3.77
C GLU A 401 -7.45 2.39 -4.22
N ALA A 402 -8.46 2.72 -3.43
CA ALA A 402 -9.39 3.77 -3.81
C ALA A 402 -8.69 5.10 -3.94
N VAL A 403 -7.75 5.38 -3.04
CA VAL A 403 -7.05 6.66 -3.06
C VAL A 403 -6.28 6.81 -4.37
N GLY A 404 -5.63 5.74 -4.81
CA GLY A 404 -4.94 5.80 -6.09
C GLY A 404 -5.88 6.01 -7.26
N GLU A 405 -7.04 5.37 -7.23
CA GLU A 405 -7.98 5.45 -8.35
C GLU A 405 -8.58 6.80 -8.73
N ILE A 406 -8.96 7.61 -7.75
CA ILE A 406 -9.62 8.88 -8.06
C ILE A 406 -8.69 9.82 -8.83
N MET A 407 -7.39 9.77 -8.52
CA MET A 407 -6.44 10.64 -9.18
C MET A 407 -6.44 10.35 -10.68
N SER A 408 -6.48 9.07 -11.04
CA SER A 408 -6.48 8.70 -12.44
C SER A 408 -7.71 9.23 -13.16
N LEU A 409 -8.87 9.19 -12.50
CA LEU A 409 -10.10 9.67 -13.13
C LEU A 409 -10.06 11.13 -13.54
N SER A 410 -9.55 11.98 -12.66
CA SER A 410 -9.45 13.40 -12.98
C SER A 410 -8.44 13.71 -14.07
N ALA A 411 -7.37 12.93 -14.12
CA ALA A 411 -6.35 13.11 -15.14
C ALA A 411 -7.00 12.80 -16.48
N ALA A 412 -7.84 11.76 -16.52
CA ALA A 412 -8.50 11.35 -17.75
C ALA A 412 -9.49 12.28 -18.40
N THR A 413 -10.08 13.18 -17.60
CA THR A 413 -11.04 14.17 -18.12
C THR A 413 -10.41 15.09 -19.17
N PRO A 414 -11.18 15.43 -20.22
CA PRO A 414 -10.64 16.26 -21.30
C PRO A 414 -10.08 17.62 -20.89
N ASN A 415 -10.68 18.29 -19.91
CA ASN A 415 -10.23 19.62 -19.56
C ASN A 415 -8.78 19.56 -19.08
N HIS A 416 -8.44 18.55 -18.29
CA HIS A 416 -7.08 18.42 -17.78
C HIS A 416 -6.12 18.26 -18.95
N LEU A 417 -6.49 17.45 -19.93
CA LEU A 417 -5.65 17.24 -21.10
C LEU A 417 -5.49 18.53 -21.91
N LYS A 418 -6.56 19.31 -22.02
CA LYS A 418 -6.47 20.59 -22.72
C LYS A 418 -5.51 21.54 -22.03
N ASN A 419 -5.53 21.56 -20.70
CA ASN A 419 -4.60 22.41 -19.95
C ASN A 419 -3.17 21.98 -20.21
N ILE A 420 -2.94 20.66 -20.29
CA ILE A 420 -1.61 20.15 -20.58
C ILE A 420 -1.20 20.62 -21.97
N GLY A 421 -2.16 20.67 -22.89
CA GLY A 421 -1.84 21.06 -24.27
C GLY A 421 -1.73 19.91 -25.23
N LEU A 422 -1.84 18.69 -24.72
CA LEU A 422 -1.86 17.52 -25.60
C LEU A 422 -3.17 17.50 -26.38
N LEU A 423 -4.22 18.02 -25.77
CA LEU A 423 -5.51 18.10 -26.42
C LEU A 423 -5.65 19.52 -26.93
N PRO A 424 -5.99 19.67 -28.22
CA PRO A 424 -6.17 21.00 -28.81
C PRO A 424 -7.34 21.78 -28.20
N PRO A 425 -7.20 23.12 -28.12
CA PRO A 425 -8.27 23.97 -27.58
C PRO A 425 -9.53 23.86 -28.41
N SER A 426 -9.39 23.72 -29.72
CA SER A 426 -10.54 23.62 -30.61
C SER A 426 -11.44 22.44 -30.31
N PHE A 427 -10.87 21.31 -29.88
CA PHE A 427 -11.66 20.12 -29.66
C PHE A 427 -12.81 20.38 -28.70
N PHE A 428 -13.99 19.91 -29.05
CA PHE A 428 -15.13 20.06 -28.16
C PHE A 428 -15.68 18.65 -28.00
N GLU A 429 -15.98 18.27 -26.77
CA GLU A 429 -16.59 16.95 -26.56
C GLU A 429 -18.04 16.98 -26.96
N ASP A 430 -18.58 15.86 -27.40
CA ASP A 430 -19.97 15.83 -27.83
C ASP A 430 -20.72 14.75 -27.09
N SER A 431 -22.03 14.74 -27.21
CA SER A 431 -22.84 13.78 -26.46
C SER A 431 -22.48 12.35 -26.81
N GLU A 432 -22.22 12.09 -28.09
CA GLU A 432 -21.91 10.74 -28.50
C GLU A 432 -20.65 10.20 -27.84
N THR A 433 -19.62 11.02 -27.76
CA THR A 433 -18.39 10.58 -27.11
C THR A 433 -18.64 10.30 -25.65
N GLU A 434 -19.46 11.12 -25.00
CA GLU A 434 -19.69 10.94 -23.58
C GLU A 434 -20.36 9.60 -23.31
N ILE A 435 -21.34 9.24 -24.14
CA ILE A 435 -22.01 7.95 -23.98
C ILE A 435 -21.02 6.81 -24.20
N ASN A 436 -20.16 6.94 -25.20
CA ASN A 436 -19.20 5.89 -25.48
C ASN A 436 -18.27 5.71 -24.30
N PHE A 437 -17.80 6.81 -23.72
CA PHE A 437 -16.90 6.74 -22.59
C PHE A 437 -17.58 6.08 -21.40
N LEU A 438 -18.82 6.46 -21.15
CA LEU A 438 -19.53 5.92 -20.00
C LEU A 438 -19.74 4.42 -20.07
N LEU A 439 -20.08 3.93 -21.27
CA LEU A 439 -20.32 2.50 -21.43
C LEU A 439 -19.05 1.69 -21.20
N LYS A 440 -17.93 2.22 -21.66
CA LYS A 440 -16.68 1.51 -21.48
C LYS A 440 -16.41 1.39 -20.00
N GLN A 441 -16.62 2.48 -19.27
CA GLN A 441 -16.41 2.48 -17.84
C GLN A 441 -17.35 1.50 -17.17
N ALA A 442 -18.60 1.46 -17.62
CA ALA A 442 -19.58 0.58 -17.01
C ALA A 442 -19.20 -0.88 -17.15
N LEU A 443 -18.67 -1.25 -18.30
CA LEU A 443 -18.36 -2.65 -18.51
C LEU A 443 -17.35 -3.13 -17.49
N THR A 444 -16.32 -2.34 -17.24
CA THR A 444 -15.37 -2.70 -16.19
C THR A 444 -15.87 -2.61 -14.76
N ILE A 445 -16.66 -1.58 -14.45
CA ILE A 445 -17.08 -1.39 -13.06
C ILE A 445 -18.35 -2.13 -12.67
N VAL A 446 -19.43 -1.92 -13.41
CA VAL A 446 -20.70 -2.55 -13.06
C VAL A 446 -20.63 -4.07 -13.21
N GLY A 447 -19.96 -4.54 -14.26
CA GLY A 447 -19.90 -5.97 -14.52
C GLY A 447 -19.23 -6.79 -13.44
N THR A 448 -18.14 -6.27 -12.88
CA THR A 448 -17.40 -7.02 -11.85
C THR A 448 -18.14 -7.27 -10.54
N LEU A 449 -18.99 -6.35 -10.10
CA LEU A 449 -19.63 -6.51 -8.79
C LEU A 449 -20.51 -7.74 -8.55
N PRO A 450 -21.37 -8.13 -9.52
CA PRO A 450 -22.12 -9.35 -9.22
C PRO A 450 -21.23 -10.58 -9.06
N PHE A 451 -20.22 -10.70 -9.90
CA PHE A 451 -19.33 -11.85 -9.82
C PHE A 451 -18.61 -11.87 -8.49
N THR A 452 -18.13 -10.71 -8.05
CA THR A 452 -17.38 -10.64 -6.81
C THR A 452 -18.25 -11.06 -5.64
N TYR A 453 -19.48 -10.56 -5.62
CA TYR A 453 -20.38 -10.86 -4.53
C TYR A 453 -20.69 -12.34 -4.38
N MET A 454 -21.00 -12.99 -5.49
CA MET A 454 -21.37 -14.39 -5.44
C MET A 454 -20.20 -15.27 -5.05
N LEU A 455 -19.01 -14.92 -5.51
CA LEU A 455 -17.85 -15.76 -5.24
C LEU A 455 -17.63 -15.79 -3.73
N GLU A 456 -17.64 -14.62 -3.12
CA GLU A 456 -17.40 -14.55 -1.69
C GLU A 456 -18.58 -15.22 -1.00
N LYS A 457 -19.77 -15.06 -1.56
CA LYS A 457 -20.94 -15.66 -0.95
C LYS A 457 -20.77 -17.15 -0.77
N TRP A 458 -20.42 -17.83 -1.85
CA TRP A 458 -20.23 -19.27 -1.79
C TRP A 458 -19.16 -19.74 -0.85
N ARG A 459 -18.02 -19.05 -0.84
CA ARG A 459 -16.91 -19.48 -0.01
C ARG A 459 -17.28 -19.42 1.45
N TRP A 460 -17.95 -18.35 1.86
CA TRP A 460 -18.28 -18.18 3.27
C TRP A 460 -19.20 -19.30 3.72
N MET A 461 -20.19 -19.62 2.90
CA MET A 461 -21.12 -20.68 3.25
C MET A 461 -20.44 -22.03 3.35
N VAL A 462 -19.51 -22.29 2.45
CA VAL A 462 -18.78 -23.55 2.47
C VAL A 462 -17.96 -23.68 3.75
N PHE A 463 -17.29 -22.62 4.16
CA PHE A 463 -16.50 -22.65 5.40
C PHE A 463 -17.28 -22.95 6.65
N LYS A 464 -18.45 -22.34 6.80
CA LYS A 464 -19.31 -22.64 7.94
C LYS A 464 -20.00 -24.02 7.89
N GLY A 465 -20.08 -24.55 6.68
CA GLY A 465 -20.71 -25.84 6.48
C GLY A 465 -22.17 -25.87 6.13
N GLU A 466 -22.72 -24.73 5.72
CA GLU A 466 -24.10 -24.68 5.27
C GLU A 466 -24.28 -25.57 4.06
N ILE A 467 -23.31 -25.54 3.16
CA ILE A 467 -23.39 -26.36 1.97
C ILE A 467 -22.66 -27.67 2.18
N PRO A 468 -23.36 -28.79 1.98
CA PRO A 468 -22.69 -30.09 2.09
C PRO A 468 -21.75 -30.33 0.92
N LYS A 469 -20.72 -31.14 1.12
CA LYS A 469 -19.72 -31.37 0.08
C LYS A 469 -20.30 -31.94 -1.19
N ASP A 470 -21.26 -32.84 -1.07
CA ASP A 470 -21.89 -33.45 -2.22
C ASP A 470 -22.62 -32.45 -3.12
N GLN A 471 -23.10 -31.37 -2.54
CA GLN A 471 -23.83 -30.36 -3.31
C GLN A 471 -23.00 -29.12 -3.66
N TRP A 472 -21.70 -29.13 -3.43
CA TRP A 472 -20.92 -27.91 -3.63
C TRP A 472 -20.97 -27.30 -5.02
N MET A 473 -20.74 -28.12 -6.06
CA MET A 473 -20.78 -27.62 -7.41
C MET A 473 -22.18 -27.25 -7.85
N LYS A 474 -23.14 -28.04 -7.39
CA LYS A 474 -24.51 -27.82 -7.81
C LYS A 474 -24.95 -26.44 -7.32
N THR A 475 -24.64 -26.13 -6.07
CA THR A 475 -25.03 -24.85 -5.53
C THR A 475 -24.32 -23.74 -6.26
N TRP A 476 -23.04 -23.93 -6.57
CA TRP A 476 -22.28 -22.87 -7.21
C TRP A 476 -22.87 -22.47 -8.55
N TRP A 477 -23.19 -23.45 -9.37
CA TRP A 477 -23.80 -23.14 -10.66
C TRP A 477 -25.19 -22.53 -10.58
N GLU A 478 -26.00 -22.99 -9.63
CA GLU A 478 -27.32 -22.41 -9.47
C GLU A 478 -27.20 -20.96 -9.10
N MET A 479 -26.26 -20.63 -8.23
CA MET A 479 -26.07 -19.26 -7.80
C MET A 479 -25.69 -18.37 -8.95
N LYS A 480 -24.85 -18.87 -9.85
CA LYS A 480 -24.42 -18.08 -10.99
C LYS A 480 -25.61 -17.69 -11.85
N ARG A 481 -26.53 -18.61 -12.08
CA ARG A 481 -27.71 -18.29 -12.85
C ARG A 481 -28.57 -17.24 -12.16
N ASN A 482 -28.79 -17.41 -10.86
CA ASN A 482 -29.64 -16.47 -10.13
C ASN A 482 -29.10 -15.07 -10.00
N ILE A 483 -27.81 -14.92 -9.70
CA ILE A 483 -27.27 -13.60 -9.44
C ILE A 483 -26.59 -12.94 -10.64
N VAL A 484 -25.70 -13.65 -11.31
CA VAL A 484 -24.96 -13.03 -12.40
C VAL A 484 -25.63 -13.22 -13.76
N GLY A 485 -26.72 -13.96 -13.80
CA GLY A 485 -27.34 -14.24 -15.08
C GLY A 485 -26.40 -14.93 -16.04
N VAL A 486 -25.62 -15.89 -15.55
CA VAL A 486 -24.67 -16.62 -16.38
C VAL A 486 -25.00 -18.11 -16.30
N VAL A 487 -25.10 -18.77 -17.44
CA VAL A 487 -25.42 -20.19 -17.46
C VAL A 487 -24.28 -21.00 -18.08
N GLU A 488 -23.96 -22.14 -17.48
CA GLU A 488 -22.88 -22.97 -18.00
C GLU A 488 -23.20 -23.50 -19.39
N PRO A 489 -22.20 -23.45 -20.29
CA PRO A 489 -22.43 -24.03 -21.62
C PRO A 489 -22.72 -25.51 -21.66
N VAL A 490 -21.98 -26.30 -20.87
CA VAL A 490 -22.13 -27.75 -20.84
C VAL A 490 -22.24 -28.12 -19.35
N PRO A 491 -23.11 -29.10 -19.00
CA PRO A 491 -23.30 -29.42 -17.58
C PRO A 491 -22.05 -29.94 -16.87
N HIS A 492 -21.89 -29.62 -15.58
CA HIS A 492 -20.69 -30.00 -14.85
C HIS A 492 -20.92 -30.94 -13.68
N ASP A 493 -20.12 -31.99 -13.59
CA ASP A 493 -20.24 -32.97 -12.50
C ASP A 493 -19.68 -32.46 -11.18
N GLU A 494 -20.00 -33.15 -10.09
CA GLU A 494 -19.50 -32.78 -8.77
C GLU A 494 -17.98 -32.85 -8.71
N THR A 495 -17.39 -33.75 -9.48
CA THR A 495 -15.94 -33.89 -9.50
C THR A 495 -15.26 -32.60 -9.93
N TYR A 496 -15.87 -31.87 -10.87
CA TYR A 496 -15.31 -30.59 -11.29
C TYR A 496 -15.30 -29.59 -10.14
N CYS A 497 -14.28 -28.76 -10.09
CA CYS A 497 -14.24 -27.71 -9.07
C CYS A 497 -14.01 -26.38 -9.74
N ASP A 498 -15.07 -25.79 -10.27
CA ASP A 498 -14.96 -24.50 -10.96
C ASP A 498 -14.48 -23.31 -10.12
N PRO A 499 -14.92 -23.18 -8.85
CA PRO A 499 -14.36 -22.04 -8.11
C PRO A 499 -12.84 -22.14 -7.98
N ALA A 500 -12.32 -23.34 -7.78
CA ALA A 500 -10.89 -23.52 -7.57
C ALA A 500 -10.04 -23.05 -8.73
N SER A 501 -10.57 -23.10 -9.95
CA SER A 501 -9.81 -22.71 -11.13
C SER A 501 -9.33 -21.26 -11.06
N LEU A 502 -10.12 -20.36 -10.48
CA LEU A 502 -9.69 -18.97 -10.33
C LEU A 502 -8.45 -18.87 -9.46
N PHE A 503 -7.54 -17.96 -9.79
CA PHE A 503 -6.27 -17.85 -9.06
C PHE A 503 -6.42 -17.52 -7.59
N HIS A 504 -7.28 -16.58 -7.25
CA HIS A 504 -7.39 -16.16 -5.87
C HIS A 504 -7.86 -17.28 -4.96
N VAL A 505 -8.84 -18.05 -5.42
CA VAL A 505 -9.34 -19.16 -4.64
C VAL A 505 -8.26 -20.20 -4.44
N ALA A 506 -7.50 -20.49 -5.48
CA ALA A 506 -6.42 -21.46 -5.39
C ALA A 506 -5.34 -21.00 -4.42
N ASN A 507 -5.07 -19.70 -4.41
CA ASN A 507 -3.99 -19.17 -3.57
C ASN A 507 -4.55 -18.56 -2.29
N ASP A 508 -5.79 -18.90 -1.91
CA ASP A 508 -6.39 -18.41 -0.66
C ASP A 508 -6.37 -16.89 -0.42
N TYR A 509 -6.89 -16.14 -1.38
CA TYR A 509 -6.94 -14.68 -1.24
C TYR A 509 -8.40 -14.27 -1.17
N SER A 510 -8.75 -13.40 -0.23
CA SER A 510 -10.13 -12.92 -0.11
C SER A 510 -10.35 -11.93 -1.25
N PHE A 511 -11.61 -11.86 -1.70
CA PHE A 511 -12.01 -11.02 -2.84
C PHE A 511 -13.00 -9.98 -2.35
N ILE A 512 -13.20 -9.85 -1.05
CA ILE A 512 -14.24 -9.01 -0.46
C ILE A 512 -13.68 -7.61 -0.69
N ARG A 513 -12.36 -7.46 -0.70
CA ARG A 513 -11.76 -6.15 -0.82
C ARG A 513 -12.17 -5.41 -2.07
N TYR A 514 -12.26 -6.13 -3.19
CA TYR A 514 -12.59 -5.47 -4.45
C TYR A 514 -13.96 -4.81 -4.42
N TYR A 515 -14.95 -5.50 -3.86
CA TYR A 515 -16.30 -4.95 -3.81
C TYR A 515 -16.32 -3.69 -2.99
N THR A 516 -15.68 -3.71 -1.83
CA THR A 516 -15.70 -2.56 -0.95
C THR A 516 -14.99 -1.36 -1.57
N ARG A 517 -13.88 -1.61 -2.25
CA ARG A 517 -13.10 -0.51 -2.81
C ARG A 517 -13.91 0.29 -3.81
N THR A 518 -14.69 -0.40 -4.64
CA THR A 518 -15.43 0.31 -5.67
C THR A 518 -16.42 1.28 -5.06
N ILE A 519 -17.09 0.87 -4.00
CA ILE A 519 -18.02 1.78 -3.33
C ILE A 519 -17.29 2.99 -2.75
N TYR A 520 -16.14 2.76 -2.12
CA TYR A 520 -15.42 3.85 -1.47
C TYR A 520 -14.95 4.91 -2.44
N GLN A 521 -14.43 4.51 -3.59
CA GLN A 521 -13.85 5.46 -4.52
C GLN A 521 -14.83 6.51 -5.01
N PHE A 522 -16.03 6.07 -5.37
CA PHE A 522 -17.03 7.00 -5.87
C PHE A 522 -17.45 8.01 -4.82
N GLN A 523 -17.58 7.57 -3.57
CA GLN A 523 -17.94 8.48 -2.49
C GLN A 523 -16.88 9.55 -2.34
N PHE A 524 -15.62 9.16 -2.41
CA PHE A 524 -14.53 10.12 -2.24
C PHE A 524 -14.58 11.15 -3.33
N GLN A 525 -14.82 10.72 -4.55
CA GLN A 525 -14.82 11.64 -5.67
C GLN A 525 -15.93 12.66 -5.54
N GLU A 526 -17.11 12.22 -5.14
CA GLU A 526 -18.23 13.14 -5.06
C GLU A 526 -17.95 14.22 -4.04
N ALA A 527 -17.42 13.82 -2.89
CA ALA A 527 -17.16 14.79 -1.85
C ALA A 527 -16.12 15.80 -2.27
N LEU A 528 -15.06 15.33 -2.91
CA LEU A 528 -13.98 16.23 -3.33
C LEU A 528 -14.46 17.23 -4.37
N CYS A 529 -15.30 16.78 -5.29
CA CYS A 529 -15.83 17.66 -6.32
C CYS A 529 -16.68 18.75 -5.70
N GLN A 530 -17.41 18.42 -4.64
CA GLN A 530 -18.22 19.41 -3.95
C GLN A 530 -17.34 20.50 -3.35
N ILE A 531 -16.21 20.14 -2.76
CA ILE A 531 -15.30 21.17 -2.25
C ILE A 531 -14.79 22.02 -3.39
N ALA A 532 -14.48 21.39 -4.52
CA ALA A 532 -13.99 22.11 -5.69
C ALA A 532 -15.08 22.94 -6.35
N LYS A 533 -16.33 22.68 -5.99
CA LYS A 533 -17.48 23.40 -6.56
C LYS A 533 -17.63 23.26 -8.05
N HIS A 534 -17.33 22.07 -8.58
CA HIS A 534 -17.56 21.84 -9.99
C HIS A 534 -19.05 21.81 -10.23
N GLU A 535 -19.51 22.42 -11.31
CA GLU A 535 -20.92 22.35 -11.63
C GLU A 535 -21.08 21.56 -12.91
N GLY A 536 -21.91 20.53 -12.87
CA GLY A 536 -22.09 19.69 -14.04
C GLY A 536 -22.08 18.22 -13.67
N PRO A 537 -21.89 17.35 -14.67
CA PRO A 537 -21.88 15.90 -14.42
C PRO A 537 -20.68 15.44 -13.61
N LEU A 538 -20.84 14.38 -12.84
CA LEU A 538 -19.74 13.85 -12.04
C LEU A 538 -18.58 13.39 -12.90
N HIS A 539 -18.88 12.78 -14.05
CA HIS A 539 -17.82 12.33 -14.94
C HIS A 539 -16.97 13.49 -15.44
N LYS A 540 -17.59 14.62 -15.72
CA LYS A 540 -16.85 15.81 -16.15
C LYS A 540 -15.95 16.47 -15.11
N CYS A 541 -16.27 16.34 -13.83
CA CYS A 541 -15.51 17.06 -12.79
C CYS A 541 -14.03 16.77 -12.68
N ASP A 542 -13.23 17.80 -12.47
CA ASP A 542 -11.80 17.64 -12.32
C ASP A 542 -11.45 18.30 -11.00
N ILE A 543 -10.61 17.66 -10.20
CA ILE A 543 -10.22 18.23 -8.91
C ILE A 543 -8.96 19.04 -9.02
N SER A 544 -8.43 19.19 -10.23
CA SER A 544 -7.18 19.91 -10.41
C SER A 544 -7.25 21.37 -10.02
N ASN A 545 -6.14 21.90 -9.50
CA ASN A 545 -6.06 23.30 -9.07
C ASN A 545 -6.98 23.70 -7.93
N SER A 546 -7.32 22.76 -7.06
CA SER A 546 -8.11 23.12 -5.89
C SER A 546 -7.33 22.74 -4.65
N SER A 547 -6.84 23.73 -3.92
CA SER A 547 -6.07 23.47 -2.72
C SER A 547 -6.90 22.82 -1.65
N GLU A 548 -8.12 23.30 -1.46
CA GLU A 548 -8.96 22.81 -0.39
C GLU A 548 -9.29 21.33 -0.48
N ALA A 549 -9.57 20.85 -1.68
CA ALA A 549 -9.89 19.45 -1.85
C ALA A 549 -8.71 18.60 -1.44
N GLY A 550 -7.51 19.02 -1.83
CA GLY A 550 -6.31 18.29 -1.47
C GLY A 550 -6.11 18.25 0.02
N GLN A 551 -6.36 19.37 0.69
CA GLN A 551 -6.16 19.44 2.12
C GLN A 551 -6.94 18.46 2.97
N LYS A 552 -8.23 18.32 2.69
CA LYS A 552 -9.05 17.39 3.45
C LYS A 552 -8.74 15.91 3.16
N LEU A 553 -8.31 15.66 1.94
CA LEU A 553 -7.90 14.33 1.55
C LEU A 553 -6.68 14.07 2.43
N LEU A 554 -5.81 15.06 2.56
CA LEU A 554 -4.59 14.87 3.31
C LEU A 554 -4.85 14.49 4.77
N GLU A 555 -5.86 15.09 5.39
CA GLU A 555 -6.13 14.79 6.78
C GLU A 555 -6.46 13.33 6.97
N MET A 556 -7.29 12.78 6.08
CA MET A 556 -7.62 11.37 6.15
C MET A 556 -6.40 10.50 5.94
N LEU A 557 -5.54 10.87 5.00
CA LEU A 557 -4.35 10.10 4.70
C LEU A 557 -3.42 10.04 5.91
N LYS A 558 -3.30 11.15 6.62
CA LYS A 558 -2.42 11.22 7.79
C LYS A 558 -2.72 10.27 8.93
N LEU A 559 -4.00 10.04 9.22
CA LEU A 559 -4.35 9.21 10.37
C LEU A 559 -3.92 7.74 10.26
N GLY A 560 -3.87 7.22 9.04
CA GLY A 560 -3.46 5.84 8.85
C GLY A 560 -4.37 4.89 9.58
N LYS A 561 -3.79 4.00 10.38
CA LYS A 561 -4.60 3.02 11.09
C LYS A 561 -4.81 3.29 12.59
N SER A 562 -4.48 4.51 13.01
CA SER A 562 -4.61 4.87 14.42
C SER A 562 -6.05 4.84 14.89
N LYS A 563 -6.96 5.33 14.07
CA LYS A 563 -8.37 5.36 14.45
C LYS A 563 -9.17 4.47 13.51
N PRO A 564 -10.47 4.12 13.88
CA PRO A 564 -11.15 3.16 12.98
C PRO A 564 -11.49 3.59 11.57
N TRP A 565 -11.85 2.62 10.75
CA TRP A 565 -12.18 2.91 9.38
C TRP A 565 -13.46 3.73 9.27
N THR A 566 -14.41 3.49 10.16
CA THR A 566 -15.65 4.23 10.13
C THR A 566 -15.40 5.70 10.40
N TYR A 567 -14.52 5.99 11.36
CA TYR A 567 -14.19 7.37 11.67
C TYR A 567 -13.52 8.03 10.48
N ALA A 568 -12.61 7.33 9.83
CA ALA A 568 -11.90 7.91 8.70
C ALA A 568 -12.83 8.24 7.55
N LEU A 569 -13.77 7.36 7.26
CA LEU A 569 -14.73 7.60 6.19
C LEU A 569 -15.55 8.81 6.55
N GLU A 570 -15.92 8.93 7.80
CA GLU A 570 -16.70 10.07 8.24
C GLU A 570 -15.96 11.38 8.02
N ILE A 571 -14.65 11.40 8.24
CA ILE A 571 -13.95 12.66 8.11
C ILE A 571 -14.07 13.25 6.70
N VAL A 572 -13.78 12.45 5.67
CA VAL A 572 -13.93 12.95 4.30
C VAL A 572 -15.33 13.10 3.70
N VAL A 573 -16.22 12.15 3.98
CA VAL A 573 -17.55 12.20 3.34
C VAL A 573 -18.71 12.52 4.26
N GLY A 574 -18.48 12.56 5.57
CA GLY A 574 -19.53 12.87 6.52
C GLY A 574 -20.42 11.70 6.91
N ALA A 575 -20.11 10.51 6.41
CA ALA A 575 -20.92 9.33 6.71
C ALA A 575 -20.09 8.18 7.26
N LYS A 576 -20.56 7.58 8.35
CA LYS A 576 -19.87 6.44 8.93
C LYS A 576 -19.92 5.22 8.02
N ASN A 577 -21.03 5.00 7.31
CA ASN A 577 -21.17 3.76 6.53
C ASN A 577 -21.05 3.82 5.01
N MET A 578 -20.95 2.65 4.37
CA MET A 578 -20.91 2.61 2.90
C MET A 578 -22.17 3.01 2.17
N ASP A 579 -22.05 3.90 1.18
CA ASP A 579 -23.23 4.39 0.47
C ASP A 579 -23.05 4.19 -1.02
N VAL A 580 -23.99 3.51 -1.66
CA VAL A 580 -23.87 3.21 -3.08
C VAL A 580 -24.42 4.32 -4.00
N ARG A 581 -25.02 5.35 -3.42
CA ARG A 581 -25.61 6.41 -4.23
C ARG A 581 -24.66 7.22 -5.14
N PRO A 582 -23.43 7.54 -4.69
CA PRO A 582 -22.57 8.25 -5.64
C PRO A 582 -22.29 7.45 -6.91
N LEU A 583 -22.16 6.14 -6.80
CA LEU A 583 -21.92 5.30 -7.98
C LEU A 583 -23.06 5.48 -8.97
N LEU A 584 -24.29 5.47 -8.47
CA LEU A 584 -25.44 5.67 -9.33
C LEU A 584 -25.46 7.02 -10.02
N ASN A 585 -25.08 8.07 -9.30
CA ASN A 585 -25.05 9.41 -9.87
C ASN A 585 -24.07 9.50 -11.03
N TYR A 586 -22.92 8.87 -10.87
CA TYR A 586 -21.90 8.90 -11.92
C TYR A 586 -22.42 8.28 -13.19
N PHE A 587 -23.14 7.18 -13.08
CA PHE A 587 -23.60 6.48 -14.27
C PHE A 587 -25.00 6.85 -14.71
N GLU A 588 -25.58 7.87 -14.09
CA GLU A 588 -26.94 8.29 -14.42
C GLU A 588 -27.18 8.73 -15.88
N PRO A 589 -26.26 9.51 -16.49
CA PRO A 589 -26.57 9.85 -17.88
C PRO A 589 -26.62 8.61 -18.76
N LEU A 590 -25.71 7.67 -18.54
CA LEU A 590 -25.73 6.43 -19.29
C LEU A 590 -27.02 5.66 -19.04
N PHE A 591 -27.49 5.66 -17.80
CA PHE A 591 -28.67 4.87 -17.47
C PHE A 591 -29.89 5.31 -18.24
N THR A 592 -30.08 6.61 -18.40
CA THR A 592 -31.22 7.09 -19.16
C THR A 592 -31.14 6.63 -20.60
N TRP A 593 -29.95 6.71 -21.19
CA TRP A 593 -29.77 6.26 -22.55
C TRP A 593 -30.05 4.78 -22.65
N LEU A 594 -29.56 4.01 -21.69
CA LEU A 594 -29.73 2.56 -21.71
C LEU A 594 -31.19 2.21 -21.64
N LYS A 595 -31.93 2.92 -20.81
CA LYS A 595 -33.34 2.63 -20.64
C LYS A 595 -34.11 2.79 -21.94
N GLU A 596 -33.81 3.83 -22.69
CA GLU A 596 -34.47 4.03 -23.96
C GLU A 596 -34.17 2.91 -24.97
N GLN A 597 -32.92 2.47 -25.03
CA GLN A 597 -32.58 1.36 -25.93
C GLN A 597 -33.25 0.08 -25.48
N ASN A 598 -33.30 -0.15 -24.18
CA ASN A 598 -33.85 -1.39 -23.69
C ASN A 598 -35.34 -1.35 -23.43
N ARG A 599 -35.97 -0.23 -23.73
CA ARG A 599 -37.42 -0.14 -23.54
C ARG A 599 -38.16 -1.17 -24.35
N ASN A 600 -37.81 -1.32 -25.63
CA ASN A 600 -38.42 -2.35 -26.45
C ASN A 600 -38.06 -3.80 -26.18
N SER A 601 -36.79 -4.05 -25.90
CA SER A 601 -36.36 -5.44 -25.62
C SER A 601 -36.69 -5.86 -24.22
N PHE A 602 -36.78 -7.16 -23.95
CA PHE A 602 -37.04 -7.61 -22.59
C PHE A 602 -36.01 -7.35 -21.51
N VAL A 603 -36.46 -6.95 -20.33
CA VAL A 603 -35.54 -6.77 -19.20
C VAL A 603 -35.51 -7.88 -18.18
N GLY A 604 -34.34 -8.46 -17.93
CA GLY A 604 -34.26 -9.60 -17.02
C GLY A 604 -33.84 -10.90 -17.68
N TRP A 605 -33.68 -11.95 -16.88
CA TRP A 605 -33.24 -13.22 -17.42
C TRP A 605 -34.01 -14.40 -16.84
N ASN A 606 -34.06 -15.50 -17.57
CA ASN A 606 -34.70 -16.69 -17.03
C ASN A 606 -33.64 -17.75 -16.74
N THR A 607 -33.63 -18.26 -15.51
CA THR A 607 -32.64 -19.26 -15.11
C THR A 607 -32.80 -20.54 -15.90
N ASP A 608 -34.03 -20.89 -16.24
CA ASP A 608 -34.28 -22.17 -16.89
C ASP A 608 -33.51 -22.41 -18.19
N TRP A 609 -33.43 -21.42 -19.07
CA TRP A 609 -32.76 -21.67 -20.34
C TRP A 609 -31.35 -22.22 -20.23
N SER A 610 -31.05 -23.30 -20.92
CA SER A 610 -29.68 -23.78 -20.92
C SER A 610 -29.19 -23.91 -22.36
N PRO A 611 -27.91 -23.60 -22.60
CA PRO A 611 -27.39 -23.81 -23.94
C PRO A 611 -27.48 -25.30 -24.21
N TYR A 612 -27.02 -26.12 -23.26
CA TYR A 612 -27.14 -27.56 -23.39
C TYR A 612 -28.60 -27.99 -23.44
N ALA A 613 -29.45 -27.37 -22.64
CA ALA A 613 -30.86 -27.72 -22.56
C ALA A 613 -31.08 -29.23 -22.45
N ASN B 16 48.56 33.53 19.31
CA ASN B 16 47.51 32.84 20.05
C ASN B 16 46.48 32.17 19.14
N LEU B 17 46.46 32.57 17.88
CA LEU B 17 45.51 31.99 16.97
C LEU B 17 45.88 30.54 16.73
N CYS B 18 44.91 29.65 16.85
CA CYS B 18 45.18 28.24 16.60
C CYS B 18 44.07 27.77 15.68
N PRO B 19 44.40 26.85 14.75
CA PRO B 19 43.38 26.41 13.80
C PRO B 19 42.27 25.65 14.49
N PHE B 20 41.03 25.94 14.12
CA PHE B 20 39.90 25.20 14.68
C PHE B 20 39.55 24.10 13.71
N GLY B 21 40.28 24.02 12.60
CA GLY B 21 40.01 23.03 11.59
C GLY B 21 40.07 21.56 11.96
N GLU B 22 41.09 21.17 12.72
CA GLU B 22 41.22 19.76 13.06
C GLU B 22 40.20 18.99 13.89
N VAL B 23 39.59 19.67 14.87
CA VAL B 23 38.42 19.10 15.54
C VAL B 23 37.16 19.36 14.67
N PHE B 24 37.21 20.43 13.87
CA PHE B 24 36.10 20.72 12.95
C PHE B 24 36.11 19.55 11.97
N ASN B 25 37.29 19.20 11.43
CA ASN B 25 37.32 17.99 10.62
C ASN B 25 38.19 16.85 11.10
N ALA B 26 37.59 15.69 11.31
CA ALA B 26 38.32 14.53 11.78
C ALA B 26 37.95 13.22 11.13
N THR B 27 38.86 12.27 11.13
CA THR B 27 38.55 10.96 10.56
C THR B 27 37.31 10.37 11.25
N LYS B 28 37.25 10.49 12.57
CA LYS B 28 36.18 9.87 13.32
C LYS B 28 35.62 10.80 14.34
N PHE B 29 34.32 10.82 14.43
CA PHE B 29 33.63 11.64 15.40
C PHE B 29 32.99 10.58 16.26
N PRO B 30 32.89 10.83 17.58
CA PRO B 30 32.36 9.75 18.41
C PRO B 30 30.84 9.60 18.44
N SER B 31 30.34 8.56 19.09
CA SER B 31 28.89 8.35 19.20
C SER B 31 28.26 9.31 20.19
N VAL B 32 26.96 9.55 20.03
CA VAL B 32 26.30 10.55 20.88
C VAL B 32 26.33 10.25 22.39
N TYR B 33 26.16 8.99 22.78
CA TYR B 33 26.14 8.71 24.21
C TYR B 33 27.49 9.06 24.82
N ALA B 34 28.58 8.70 24.15
CA ALA B 34 29.89 9.11 24.63
C ALA B 34 30.28 10.42 23.96
N TRP B 35 29.58 11.50 24.24
CA TRP B 35 29.88 12.74 23.54
C TRP B 35 31.23 13.20 24.01
N GLU B 36 32.10 13.51 23.06
CA GLU B 36 33.42 14.02 23.45
C GLU B 36 33.33 15.46 23.86
N ARG B 37 34.10 15.89 24.84
CA ARG B 37 34.08 17.29 25.20
C ARG B 37 35.49 17.76 24.89
N LYS B 38 35.60 18.89 24.20
CA LYS B 38 36.91 19.42 23.87
C LYS B 38 37.09 20.77 24.52
N LYS B 39 38.21 20.98 25.18
CA LYS B 39 38.46 22.31 25.71
C LYS B 39 39.39 23.01 24.75
N ILE B 40 38.89 24.05 24.12
CA ILE B 40 39.76 24.82 23.25
C ILE B 40 39.75 26.16 23.97
N SER B 41 40.91 26.59 24.42
CA SER B 41 41.04 27.85 25.09
C SER B 41 42.35 28.40 24.60
N ASN B 42 42.49 29.71 24.48
CA ASN B 42 43.69 30.33 23.92
C ASN B 42 43.86 29.93 22.47
N CYS B 43 42.75 29.66 21.78
CA CYS B 43 42.80 29.33 20.37
C CYS B 43 41.93 30.37 19.72
N VAL B 44 42.45 31.11 18.75
CA VAL B 44 41.64 32.18 18.20
C VAL B 44 41.01 31.82 16.86
N ALA B 45 39.70 31.96 16.77
CA ALA B 45 39.02 31.71 15.51
C ALA B 45 38.43 33.01 15.02
N ASP B 46 38.66 33.32 13.76
CA ASP B 46 38.12 34.56 13.19
C ASP B 46 36.60 34.58 13.25
N TYR B 47 35.96 33.45 12.91
CA TYR B 47 34.48 33.29 12.91
C TYR B 47 33.91 33.81 11.62
N SER B 48 34.75 34.44 10.81
CA SER B 48 34.31 34.93 9.51
C SER B 48 33.88 33.82 8.58
N VAL B 49 34.63 32.73 8.59
CA VAL B 49 34.32 31.64 7.69
C VAL B 49 33.00 30.98 8.11
N LEU B 50 32.67 31.07 9.39
CA LEU B 50 31.43 30.46 9.84
C LEU B 50 30.29 31.05 9.01
N TYR B 51 30.19 32.36 9.01
CA TYR B 51 29.13 33.01 8.25
C TYR B 51 29.14 32.77 6.76
N ASN B 52 30.32 32.81 6.16
CA ASN B 52 30.45 32.57 4.72
C ASN B 52 30.16 31.20 4.17
N SER B 53 30.72 30.16 4.79
CA SER B 53 30.52 28.82 4.21
C SER B 53 29.13 28.28 4.34
N THR B 54 28.67 27.55 3.33
CA THR B 54 27.33 26.99 3.37
C THR B 54 27.53 25.51 3.65
N PHE B 55 28.70 25.16 4.18
CA PHE B 55 29.03 23.76 4.41
C PHE B 55 28.02 23.30 5.45
N PHE B 56 27.68 24.18 6.38
CA PHE B 56 26.62 23.81 7.32
C PHE B 56 25.19 23.93 6.87
N SER B 57 24.50 22.79 6.77
CA SER B 57 23.12 22.80 6.31
C SER B 57 22.34 23.63 7.29
N THR B 58 22.55 23.38 8.58
CA THR B 58 21.89 24.19 9.59
C THR B 58 22.89 24.88 10.52
N PHE B 59 22.80 26.20 10.63
CA PHE B 59 23.65 26.90 11.58
C PHE B 59 22.76 27.78 12.43
N LYS B 60 22.68 27.49 13.72
CA LYS B 60 21.88 28.32 14.62
C LYS B 60 22.59 28.63 15.91
N CYS B 61 22.59 29.89 16.31
CA CYS B 61 23.15 30.22 17.60
C CYS B 61 22.03 30.74 18.46
N TYR B 62 21.52 29.89 19.35
CA TYR B 62 20.46 30.33 20.24
C TYR B 62 20.96 31.38 21.21
N GLY B 63 22.14 31.17 21.76
CA GLY B 63 22.69 32.11 22.73
C GLY B 63 23.01 33.49 22.22
N VAL B 64 23.58 33.59 21.01
CA VAL B 64 24.01 34.89 20.52
C VAL B 64 23.58 35.22 19.10
N SER B 65 23.52 36.50 18.78
CA SER B 65 23.20 36.91 17.41
C SER B 65 24.31 36.44 16.49
N ALA B 66 25.56 36.48 16.94
CA ALA B 66 26.76 36.05 16.18
C ALA B 66 27.29 37.09 15.21
N THR B 67 26.59 38.21 15.09
CA THR B 67 27.11 39.32 14.29
C THR B 67 28.31 39.84 15.04
N LYS B 68 28.21 39.85 16.36
CA LYS B 68 29.27 40.37 17.20
C LYS B 68 30.25 39.30 17.65
N LEU B 69 30.13 38.09 17.14
CA LEU B 69 30.98 37.01 17.60
C LEU B 69 32.46 37.28 17.38
N ASN B 70 32.80 37.84 16.23
CA ASN B 70 34.21 38.07 15.92
C ASN B 70 34.86 39.02 16.92
N ASP B 71 34.20 40.13 17.23
CA ASP B 71 34.72 41.05 18.24
C ASP B 71 34.70 40.46 19.63
N LEU B 72 33.67 39.66 19.93
CA LEU B 72 33.52 39.13 21.28
C LEU B 72 34.71 38.30 21.74
N CYS B 73 35.14 38.55 22.96
CA CYS B 73 36.25 37.79 23.51
C CYS B 73 35.69 36.51 24.09
N PHE B 74 36.34 35.38 23.82
CA PHE B 74 35.79 34.11 24.26
C PHE B 74 36.60 33.44 25.37
N SER B 75 35.92 33.00 26.42
CA SER B 75 36.61 32.39 27.54
C SER B 75 36.31 30.91 27.68
N ASN B 76 37.35 30.08 27.69
CA ASN B 76 37.15 28.65 27.92
C ASN B 76 36.11 27.98 27.06
N VAL B 77 36.20 28.18 25.74
CA VAL B 77 35.22 27.61 24.83
C VAL B 77 35.23 26.09 24.83
N TYR B 78 34.07 25.47 24.62
CA TYR B 78 33.98 24.03 24.60
C TYR B 78 33.42 23.55 23.28
N ALA B 79 33.96 22.45 22.77
CA ALA B 79 33.42 21.88 21.55
C ALA B 79 32.86 20.51 21.85
N ASP B 80 31.64 20.25 21.41
CA ASP B 80 31.06 18.93 21.62
C ASP B 80 30.81 18.28 20.28
N SER B 81 31.38 17.10 20.07
CA SER B 81 31.23 16.46 18.77
C SER B 81 30.54 15.12 18.85
N PHE B 82 29.50 14.93 18.03
CA PHE B 82 28.77 13.67 18.01
C PHE B 82 28.07 13.44 16.68
N VAL B 83 27.70 12.20 16.40
CA VAL B 83 26.96 11.91 15.17
C VAL B 83 25.54 11.51 15.51
N VAL B 84 24.57 12.16 14.90
CA VAL B 84 23.16 11.86 15.17
C VAL B 84 22.56 11.79 13.78
N LYS B 85 21.39 11.18 13.67
CA LYS B 85 20.70 11.22 12.37
C LYS B 85 20.08 12.58 12.18
N GLY B 86 19.68 12.92 10.96
CA GLY B 86 19.09 14.22 10.71
C GLY B 86 17.86 14.67 11.48
N ASP B 87 16.95 13.76 11.77
CA ASP B 87 15.79 14.09 12.58
C ASP B 87 16.20 14.54 13.97
N ASP B 88 17.23 13.93 14.53
CA ASP B 88 17.67 14.27 15.88
C ASP B 88 18.27 15.67 16.03
N VAL B 89 18.63 16.32 14.92
CA VAL B 89 19.28 17.62 15.01
C VAL B 89 18.45 18.69 15.74
N ARG B 90 17.15 18.73 15.47
CA ARG B 90 16.29 19.70 16.15
C ARG B 90 16.19 19.42 17.65
N GLN B 91 16.33 18.17 18.03
CA GLN B 91 16.25 17.79 19.44
C GLN B 91 17.37 18.52 20.17
N ILE B 92 18.48 18.77 19.49
CA ILE B 92 19.58 19.51 20.12
C ILE B 92 19.27 20.99 20.13
N ALA B 93 18.44 21.42 21.06
CA ALA B 93 18.00 22.80 21.13
C ALA B 93 17.57 23.06 22.58
N PRO B 94 17.31 24.33 22.94
CA PRO B 94 16.79 24.52 24.31
C PRO B 94 15.47 23.81 24.47
N GLY B 95 15.24 23.23 25.65
CA GLY B 95 14.04 22.42 25.83
C GLY B 95 14.13 21.27 24.87
N GLN B 96 13.06 20.97 24.13
CA GLN B 96 13.11 19.93 23.11
C GLN B 96 13.68 18.63 23.65
N THR B 97 13.21 18.19 24.81
CA THR B 97 13.83 17.02 25.44
C THR B 97 13.77 15.71 24.66
N GLY B 98 12.61 15.36 24.10
CA GLY B 98 12.55 14.17 23.25
C GLY B 98 13.13 12.93 23.90
N VAL B 99 13.99 12.23 23.17
CA VAL B 99 14.66 11.06 23.75
C VAL B 99 16.18 11.22 23.85
N ILE B 100 16.84 11.57 22.76
CA ILE B 100 18.30 11.70 22.80
C ILE B 100 18.79 12.89 23.61
N ALA B 101 18.05 13.99 23.61
CA ALA B 101 18.44 15.09 24.47
C ALA B 101 18.27 14.62 25.89
N ASP B 102 17.15 13.93 26.16
CA ASP B 102 16.89 13.44 27.50
C ASP B 102 17.88 12.42 28.02
N TYR B 103 18.30 11.48 27.17
CA TYR B 103 19.17 10.41 27.64
C TYR B 103 20.62 10.43 27.18
N ASN B 104 20.92 11.11 26.08
CA ASN B 104 22.28 11.05 25.55
C ASN B 104 23.11 12.30 25.75
N TYR B 105 22.61 13.45 25.30
CA TYR B 105 23.33 14.71 25.48
C TYR B 105 22.36 15.77 25.96
N LYS B 106 22.68 16.43 27.07
CA LYS B 106 21.74 17.41 27.61
C LYS B 106 22.27 18.81 27.50
N LEU B 107 21.44 19.72 27.00
CA LEU B 107 21.86 21.09 26.83
C LEU B 107 21.17 21.95 27.87
N PRO B 108 21.95 22.72 28.64
CA PRO B 108 21.29 23.63 29.58
C PRO B 108 20.48 24.68 28.83
N ASP B 109 19.26 24.92 29.27
CA ASP B 109 18.40 25.88 28.59
C ASP B 109 18.96 27.29 28.68
N ASP B 110 19.46 27.65 29.86
CA ASP B 110 20.03 28.99 30.03
C ASP B 110 21.27 29.26 29.20
N PHE B 111 22.16 28.27 29.07
CA PHE B 111 23.41 28.54 28.37
C PHE B 111 23.49 27.95 26.99
N MET B 112 23.56 28.82 25.98
CA MET B 112 23.78 28.41 24.61
C MET B 112 24.86 29.06 23.82
N GLY B 113 25.44 28.36 22.85
CA GLY B 113 26.47 28.96 22.02
C GLY B 113 25.99 28.78 20.60
N CYS B 114 26.82 28.20 19.75
CA CYS B 114 26.46 28.01 18.35
C CYS B 114 26.45 26.56 17.93
N VAL B 115 25.38 26.13 17.26
CA VAL B 115 25.28 24.75 16.83
C VAL B 115 25.48 24.57 15.33
N LEU B 116 26.51 23.81 14.94
CA LEU B 116 26.68 23.44 13.53
C LEU B 116 26.41 22.04 13.03
N ALA B 117 25.50 21.89 12.07
CA ALA B 117 25.12 20.58 11.59
C ALA B 117 25.24 20.41 10.08
N TRP B 118 25.98 19.41 9.64
CA TRP B 118 26.15 19.17 8.21
C TRP B 118 25.91 17.73 7.84
N ASN B 119 25.31 17.50 6.68
CA ASN B 119 25.08 16.14 6.22
C ASN B 119 26.44 15.61 5.81
N THR B 120 26.71 14.35 6.14
CA THR B 120 27.94 13.70 5.73
C THR B 120 27.59 12.25 5.33
N ARG B 121 26.62 12.18 4.43
CA ARG B 121 26.07 10.88 4.08
C ARG B 121 27.13 10.01 3.41
N ASN B 122 27.88 10.57 2.48
CA ASN B 122 28.83 9.74 1.78
C ASN B 122 30.00 9.18 2.58
N ILE B 123 30.52 9.98 3.51
CA ILE B 123 31.56 9.49 4.40
C ILE B 123 31.04 8.48 5.43
N ASP B 124 29.88 8.75 6.03
CA ASP B 124 29.39 7.89 7.11
C ASP B 124 28.41 6.78 6.76
N ALA B 125 28.01 6.66 5.50
CA ALA B 125 27.01 5.65 5.17
C ALA B 125 27.50 4.88 3.96
N THR B 126 27.11 3.61 3.88
CA THR B 126 27.47 2.77 2.77
C THR B 126 26.29 1.91 2.40
N SER B 127 26.32 1.27 1.24
CA SER B 127 25.22 0.38 0.88
C SER B 127 24.83 -0.75 1.81
N THR B 128 25.82 -1.46 2.35
CA THR B 128 25.54 -2.48 3.36
C THR B 128 25.12 -1.88 4.70
N GLY B 129 25.57 -0.65 4.93
CA GLY B 129 25.24 0.07 6.13
C GLY B 129 26.32 0.18 7.19
N ASN B 130 26.25 1.22 8.00
CA ASN B 130 27.24 1.41 9.03
C ASN B 130 26.54 1.37 10.36
N TYR B 131 26.97 0.45 11.23
CA TYR B 131 26.31 0.30 12.51
C TYR B 131 27.19 0.75 13.66
N ASN B 132 28.30 1.41 13.36
CA ASN B 132 29.24 1.80 14.41
C ASN B 132 28.68 2.76 15.44
N TYR B 133 27.92 3.75 15.02
CA TYR B 133 27.39 4.74 15.95
C TYR B 133 26.31 4.20 16.87
N LYS B 134 26.24 4.70 18.10
CA LYS B 134 25.28 4.19 19.07
C LYS B 134 24.49 5.23 19.85
N TYR B 135 23.29 4.88 20.28
CA TYR B 135 22.49 5.80 21.09
C TYR B 135 21.87 5.03 22.24
N ARG B 136 21.57 5.71 23.34
CA ARG B 136 20.96 5.04 24.48
C ARG B 136 19.48 5.38 24.53
N TYR B 137 18.64 4.36 24.46
CA TYR B 137 17.20 4.58 24.44
C TYR B 137 16.50 4.33 25.77
N LEU B 138 17.16 3.64 26.69
CA LEU B 138 16.54 3.33 27.98
C LEU B 138 17.41 3.79 29.14
N ARG B 139 16.83 4.57 30.04
CA ARG B 139 17.58 5.01 31.22
C ARG B 139 16.66 5.22 32.40
N HIS B 140 17.21 5.13 33.60
CA HIS B 140 16.41 5.42 34.78
C HIS B 140 16.77 6.84 35.14
N GLY B 141 15.79 7.72 35.22
CA GLY B 141 16.07 9.12 35.48
C GLY B 141 16.39 9.98 34.28
N LYS B 142 16.58 11.27 34.49
CA LYS B 142 16.88 12.18 33.39
C LYS B 142 18.25 12.80 33.46
N LEU B 143 18.91 12.97 32.31
CA LEU B 143 20.27 13.48 32.31
C LEU B 143 20.15 14.89 32.81
N ARG B 144 21.08 15.31 33.65
CA ARG B 144 21.11 16.71 34.07
C ARG B 144 22.05 17.42 33.10
N PRO B 145 21.92 18.75 32.94
CA PRO B 145 22.75 19.47 31.96
C PRO B 145 24.22 19.12 31.89
N PHE B 146 24.74 18.85 30.69
CA PHE B 146 26.18 18.59 30.51
C PHE B 146 26.71 17.45 31.36
N GLU B 147 25.95 16.36 31.46
CA GLU B 147 26.38 15.21 32.24
C GLU B 147 26.53 13.97 31.37
N ARG B 148 27.61 13.22 31.55
CA ARG B 148 27.82 12.04 30.72
C ARG B 148 27.61 10.68 31.35
N ASP B 149 26.73 9.87 30.78
CA ASP B 149 26.53 8.52 31.29
C ASP B 149 27.11 7.51 30.32
N ILE B 150 28.19 6.85 30.72
CA ILE B 150 28.82 5.84 29.88
C ILE B 150 28.51 4.36 30.18
N SER B 151 27.91 4.15 31.33
CA SER B 151 27.60 2.78 31.78
C SER B 151 26.69 1.87 30.98
N ASN B 152 27.03 0.60 30.89
CA ASN B 152 26.18 -0.38 30.19
C ASN B 152 25.51 -1.38 31.14
N VAL B 153 24.53 -0.92 31.90
CA VAL B 153 23.80 -1.81 32.82
C VAL B 153 22.83 -2.75 32.10
N PRO B 154 22.56 -3.93 32.69
CA PRO B 154 21.57 -4.80 32.07
C PRO B 154 20.14 -4.25 31.99
N PHE B 155 19.66 -3.40 32.91
CA PHE B 155 18.32 -2.73 32.83
C PHE B 155 17.01 -3.51 32.99
N SER B 156 15.99 -2.93 33.67
CA SER B 156 14.75 -3.60 34.00
C SER B 156 13.96 -2.61 34.84
N PRO B 157 12.63 -2.40 34.55
CA PRO B 157 11.99 -1.40 35.41
C PRO B 157 11.87 -1.80 36.88
N ASP B 158 11.98 -3.08 37.18
CA ASP B 158 11.83 -3.54 38.55
C ASP B 158 13.13 -3.64 39.29
N GLY B 159 14.25 -3.32 38.65
CA GLY B 159 15.54 -3.52 39.30
C GLY B 159 15.88 -4.99 39.10
N LYS B 160 16.81 -5.52 39.88
CA LYS B 160 17.17 -6.94 39.80
C LYS B 160 17.42 -7.37 38.36
N PRO B 161 18.37 -6.72 37.67
CA PRO B 161 18.53 -7.01 36.25
C PRO B 161 18.86 -8.44 35.89
N CYS B 162 18.17 -8.95 34.88
CA CYS B 162 18.39 -10.31 34.41
C CYS B 162 19.21 -10.14 33.16
N THR B 163 20.38 -10.74 33.13
CA THR B 163 21.26 -10.50 31.99
C THR B 163 20.80 -10.93 30.59
N PRO B 164 20.22 -12.14 30.46
CA PRO B 164 19.88 -12.45 29.05
C PRO B 164 18.43 -12.58 28.50
N PRO B 165 17.71 -13.72 28.67
CA PRO B 165 16.41 -13.78 28.01
C PRO B 165 15.15 -13.56 28.84
N ALA B 166 15.26 -13.19 30.11
CA ALA B 166 14.07 -13.09 30.94
C ALA B 166 13.17 -11.92 30.53
N LEU B 167 11.89 -12.03 30.83
CA LEU B 167 10.96 -10.98 30.46
C LEU B 167 11.28 -9.65 31.09
N ASN B 168 11.00 -8.56 30.39
CA ASN B 168 11.22 -7.21 30.91
C ASN B 168 12.62 -6.73 31.22
N CYS B 169 13.66 -7.45 30.78
CA CYS B 169 14.99 -6.88 30.99
C CYS B 169 15.62 -6.69 29.64
N TYR B 170 16.14 -5.49 29.37
CA TYR B 170 16.68 -5.20 28.05
C TYR B 170 17.96 -4.39 28.13
N TRP B 171 18.85 -4.54 27.16
CA TRP B 171 20.06 -3.74 27.11
C TRP B 171 19.70 -2.31 26.74
N PRO B 172 20.42 -1.32 27.28
CA PRO B 172 20.01 0.06 27.03
C PRO B 172 20.55 0.72 25.76
N LEU B 173 21.39 0.04 24.98
CA LEU B 173 21.99 0.70 23.82
C LEU B 173 21.61 0.14 22.45
N ASN B 174 21.26 1.03 21.52
CA ASN B 174 20.86 0.60 20.18
C ASN B 174 21.73 1.22 19.10
N ASP B 175 22.11 0.43 18.10
CA ASP B 175 22.93 0.93 17.00
C ASP B 175 22.07 1.79 16.09
N TYR B 176 22.64 2.87 15.56
CA TYR B 176 21.91 3.74 14.64
C TYR B 176 21.61 3.24 13.20
N GLY B 177 22.45 2.35 12.70
CA GLY B 177 22.27 1.79 11.36
C GLY B 177 22.07 2.66 10.13
N PHE B 178 22.96 3.63 9.91
CA PHE B 178 22.88 4.49 8.72
C PHE B 178 23.10 3.75 7.39
N TYR B 179 22.32 4.08 6.36
CA TYR B 179 22.45 3.44 5.05
C TYR B 179 22.49 4.51 3.97
N THR B 180 23.15 4.23 2.85
CA THR B 180 23.21 5.20 1.75
C THR B 180 21.85 5.48 1.08
N THR B 181 21.04 4.46 0.88
CA THR B 181 19.76 4.62 0.18
C THR B 181 18.67 5.37 0.94
N THR B 182 18.87 5.60 2.23
CA THR B 182 17.84 6.22 3.06
C THR B 182 17.53 7.69 2.81
N GLY B 183 16.38 8.15 3.30
CA GLY B 183 15.98 9.54 3.13
C GLY B 183 16.79 10.51 3.94
N ILE B 184 16.68 11.80 3.67
CA ILE B 184 17.54 12.79 4.32
C ILE B 184 17.44 12.83 5.86
N GLY B 185 16.25 12.68 6.42
CA GLY B 185 16.14 12.64 7.86
C GLY B 185 16.91 11.46 8.42
N TYR B 186 16.81 10.32 7.77
CA TYR B 186 17.59 9.16 8.18
C TYR B 186 19.10 9.29 7.98
N GLN B 187 19.52 10.06 6.97
CA GLN B 187 20.94 10.19 6.66
C GLN B 187 21.77 10.79 7.79
N PRO B 188 23.01 10.30 7.96
CA PRO B 188 23.86 10.77 9.07
C PRO B 188 24.25 12.23 9.04
N TYR B 189 24.21 12.89 10.20
CA TYR B 189 24.61 14.28 10.29
C TYR B 189 25.68 14.40 11.35
N ARG B 190 26.76 15.11 11.05
CA ARG B 190 27.77 15.34 12.08
C ARG B 190 27.55 16.71 12.69
N VAL B 191 27.42 16.75 14.01
CA VAL B 191 27.10 18.02 14.67
C VAL B 191 28.14 18.46 15.67
N VAL B 192 28.58 19.71 15.58
CA VAL B 192 29.50 20.23 16.58
C VAL B 192 28.76 21.34 17.34
N VAL B 193 28.77 21.26 18.66
CA VAL B 193 28.11 22.28 19.46
C VAL B 193 29.27 22.93 20.17
N LEU B 194 29.38 24.24 20.04
CA LEU B 194 30.42 24.94 20.78
C LEU B 194 29.71 25.63 21.92
N SER B 195 30.27 25.54 23.13
CA SER B 195 29.62 26.13 24.28
C SER B 195 30.57 27.21 24.77
N PHE B 196 30.05 28.37 25.08
CA PHE B 196 30.91 29.48 25.49
C PHE B 196 30.63 29.79 26.95
N GLU B 197 31.68 29.81 27.76
CA GLU B 197 31.50 30.13 29.16
C GLU B 197 31.79 31.60 29.22
N LEU B 198 30.83 32.40 29.69
CA LEU B 198 31.05 33.83 29.66
C LEU B 198 31.65 34.34 30.96
N LEU B 199 32.85 34.90 30.86
CA LEU B 199 33.54 35.47 32.03
C LEU B 199 33.85 34.60 33.24
N ASN B 200 33.98 33.30 33.06
CA ASN B 200 34.38 32.44 34.17
C ASN B 200 35.80 32.80 34.53
N ALA B 201 36.61 33.07 33.52
CA ALA B 201 38.00 33.43 33.73
C ALA B 201 38.22 34.55 32.75
N PRO B 202 39.35 35.28 32.86
CA PRO B 202 39.59 36.29 31.83
C PRO B 202 39.61 35.58 30.49
N ALA B 203 39.06 36.20 29.46
CA ALA B 203 38.92 35.48 28.20
C ALA B 203 40.20 34.91 27.66
N THR B 204 40.18 33.60 27.39
CA THR B 204 41.35 32.93 26.86
C THR B 204 41.49 33.38 25.42
N VAL B 205 40.37 33.47 24.72
CA VAL B 205 40.37 34.01 23.36
C VAL B 205 39.90 35.43 23.18
N CYS B 206 40.64 36.26 22.46
CA CYS B 206 40.21 37.64 22.27
C CYS B 206 40.26 38.03 20.80
#